data_6MVO
#
_entry.id   6MVO
#
_cell.length_a   53.225
_cell.length_b   61.202
_cell.length_c   91.773
_cell.angle_alpha   89.700
_cell.angle_beta   86.980
_cell.angle_gamma   80.920
#
_symmetry.space_group_name_H-M   'P 1'
#
loop_
_entity.id
_entity.type
_entity.pdbx_description
1 polymer 'RNA-directed RNA polymerase'
2 non-polymer 'SULFATE ION'
3 non-polymer 6-[(7-chloro-1-hydroxy-1,3-dihydro-2,1-benzoxaborol-5-yl)(methylsulfonyl)amino]-5-cyclopropyl-2-(4-fluorophenyl)-N-methyl-1-benzofuran-3-carboxamide
4 water water
#
_entity_poly.entity_id   1
_entity_poly.type   'polypeptide(L)'
_entity_poly.pdbx_seq_one_letter_code
;SMSYSWTGALVTPCAAEEQKLPINALSNSLLRHHNLVYSTTSRSACQRQKKVTFDRLQVLDSHYQDVLKEVKAAASKVKA
NLLSVEEACSLTPPHSAKSKYGYGAKDVRSHASRAVAHINSVWKDLLEDSVTPIDTTIMAKNEVFCVQPEKGGRKPARLI
VFPDLGVRVCEKMALYDVVSKLPLAVMGSSYGFQYSPGQRVEFLVQAWKSKKTPMGFSYDTRCFDSTVTESDIRTEEAIY
QCCDLDPQARVAIKSLTERLYVGGPLTNSRGENCGYRRCRASGVLTTSCGNTLTCYIKARAACRAAGLQDCTMLVYGDDL
VVICESAGVQEDAASLRAFTEAMTRYSAPPGDPPQPEYDLELITSCSSNVSVAHDGAGKRVYYLTRDPTTPLARAAWETA
RHTPVNSWLGNIIMFAPTLWARMILMTHFFSVLIARDQLEQALDCEIYGACYSIEPLDLPPIIQRLHGLSAFSLHSYSPG
EINRVAACLRKLGVPPLRAWRHRARSVRARLLSRGGRAAICGKYLFNWAVRTKLKLTPIAAAGQLALSGWFTAGYSGGDI
YH
;
_entity_poly.pdbx_strand_id   A,B
#
# COMPACT_ATOMS: atom_id res chain seq x y z
N SER A 1 2.90 -19.00 32.35
CA SER A 1 3.04 -17.54 32.57
C SER A 1 1.69 -16.85 32.71
N MET A 2 1.75 -15.61 33.18
CA MET A 2 0.55 -14.77 33.33
C MET A 2 0.08 -14.30 31.96
N SER A 3 -1.21 -14.46 31.69
CA SER A 3 -1.82 -14.04 30.42
C SER A 3 -1.57 -12.56 30.16
N TYR A 4 -1.66 -11.79 31.22
CA TYR A 4 -1.34 -10.35 31.20
C TYR A 4 -0.58 -9.93 32.44
N SER A 5 0.23 -8.88 32.29
CA SER A 5 0.82 -8.13 33.41
C SER A 5 0.42 -6.67 33.27
N TRP A 6 -0.04 -6.06 34.36
CA TRP A 6 -0.58 -4.70 34.32
C TRP A 6 0.28 -3.72 35.08
N THR A 7 0.38 -2.51 34.53
CA THR A 7 1.14 -1.42 35.18
C THR A 7 0.30 -0.65 36.19
N GLY A 8 -1.02 -0.73 36.02
CA GLY A 8 -1.96 0.04 36.84
C GLY A 8 -2.62 1.19 36.09
N ALA A 9 -2.06 1.54 34.93
CA ALA A 9 -2.67 2.54 34.05
C ALA A 9 -4.01 2.06 33.55
N LEU A 10 -4.93 3.00 33.32
CA LEU A 10 -6.30 2.64 32.94
C LEU A 10 -6.44 2.43 31.45
N VAL A 11 -7.39 1.58 31.09
CA VAL A 11 -7.87 1.52 29.71
C VAL A 11 -8.74 2.76 29.51
N THR A 12 -8.38 3.56 28.51
CA THR A 12 -8.97 4.90 28.34
C THR A 12 -9.79 5.03 27.05
N PRO A 13 -10.84 5.88 27.08
CA PRO A 13 -11.66 6.11 25.90
C PRO A 13 -10.99 7.02 24.88
N CYS A 14 -11.34 6.83 23.62
CA CYS A 14 -10.93 7.76 22.56
C CYS A 14 -11.80 9.00 22.61
N ALA A 15 -13.10 8.75 22.81
CA ALA A 15 -14.13 9.77 22.68
C ALA A 15 -15.25 9.54 23.69
N ALA A 16 -16.27 10.40 23.64
CA ALA A 16 -17.40 10.30 24.56
C ALA A 16 -18.05 8.93 24.47
N GLU A 17 -18.33 8.36 25.64
CA GLU A 17 -19.02 7.06 25.71
C GLU A 17 -20.38 7.21 26.37
N GLU A 18 -21.42 6.85 25.63
CA GLU A 18 -22.79 6.87 26.12
C GLU A 18 -23.08 5.55 26.85
N GLN A 19 -23.48 5.66 28.11
CA GLN A 19 -23.78 4.49 28.94
C GLN A 19 -25.18 3.91 28.71
N LYS A 20 -26.15 4.81 28.55
CA LYS A 20 -27.56 4.42 28.48
C LYS A 20 -28.20 4.73 27.12
N LEU A 21 -29.20 3.94 26.77
CA LEU A 21 -29.94 4.08 25.50
C LEU A 21 -30.58 5.46 25.39
N PRO A 22 -30.16 6.25 24.38
CA PRO A 22 -30.79 7.56 24.19
C PRO A 22 -32.28 7.46 23.84
N ILE A 23 -33.04 8.46 24.27
CA ILE A 23 -34.45 8.56 23.94
C ILE A 23 -34.60 9.15 22.53
N ASN A 24 -35.23 8.37 21.67
CA ASN A 24 -35.53 8.76 20.29
C ASN A 24 -36.86 8.12 19.88
N ALA A 25 -37.70 8.90 19.21
CA ALA A 25 -39.07 8.49 18.90
C ALA A 25 -39.10 7.17 18.11
N LEU A 26 -38.23 7.06 17.11
CA LEU A 26 -38.19 5.86 16.26
C LEU A 26 -37.68 4.64 17.02
N SER A 27 -36.65 4.84 17.84
CA SER A 27 -36.11 3.73 18.65
C SER A 27 -37.12 3.31 19.72
N ASN A 28 -37.76 4.31 20.31
CA ASN A 28 -38.81 4.09 21.33
C ASN A 28 -39.98 3.26 20.79
N SER A 29 -40.25 3.39 19.50
CA SER A 29 -41.34 2.63 18.86
C SER A 29 -41.04 1.13 18.83
N LEU A 30 -39.76 0.79 18.87
CA LEU A 30 -39.34 -0.62 18.93
C LEU A 30 -39.35 -1.11 20.37
N LEU A 31 -38.76 -0.31 21.25
CA LEU A 31 -38.46 -0.69 22.64
C LEU A 31 -38.59 0.48 23.60
N ARG A 32 -39.42 0.35 24.63
CA ARG A 32 -39.75 1.48 25.51
C ARG A 32 -39.05 1.46 26.87
N HIS A 33 -38.60 0.29 27.31
CA HIS A 33 -37.90 0.17 28.60
C HIS A 33 -36.44 0.50 28.42
N HIS A 34 -36.19 1.74 28.01
CA HIS A 34 -34.83 2.18 27.64
C HIS A 34 -33.83 2.10 28.78
N ASN A 35 -34.33 2.19 30.00
CA ASN A 35 -33.46 2.15 31.20
C ASN A 35 -32.80 0.79 31.41
N LEU A 36 -33.34 -0.24 30.78
CA LEU A 36 -32.78 -1.60 30.86
C LEU A 36 -31.61 -1.80 29.88
N VAL A 37 -31.56 -0.95 28.86
CA VAL A 37 -30.56 -1.07 27.80
C VAL A 37 -29.34 -0.21 28.07
N TYR A 38 -28.17 -0.85 28.03
CA TYR A 38 -26.90 -0.16 28.30
C TYR A 38 -25.81 -0.54 27.30
N SER A 39 -24.81 0.32 27.21
CA SER A 39 -23.60 0.02 26.46
C SER A 39 -22.44 -0.16 27.42
N THR A 40 -21.63 -1.19 27.19
CA THR A 40 -20.38 -1.36 27.92
C THR A 40 -19.45 -0.19 27.58
N THR A 41 -18.66 0.22 28.56
CA THR A 41 -17.70 1.32 28.39
C THR A 41 -16.37 1.04 29.10
N SER A 42 -15.41 1.94 28.88
CA SER A 42 -14.08 1.85 29.51
C SER A 42 -14.14 1.84 31.03
N ARG A 43 -15.26 2.34 31.57
CA ARG A 43 -15.42 2.42 33.02
C ARG A 43 -15.39 1.04 33.71
N SER A 44 -15.75 -0.01 32.96
CA SER A 44 -15.77 -1.38 33.49
C SER A 44 -14.55 -2.20 33.09
N ALA A 45 -13.59 -1.55 32.43
CA ALA A 45 -12.39 -2.23 31.91
C ALA A 45 -11.63 -2.99 33.00
N CYS A 46 -11.53 -2.37 34.16
CA CYS A 46 -10.81 -2.96 35.30
CA CYS A 46 -10.81 -2.96 35.30
C CYS A 46 -11.39 -4.31 35.71
N GLN A 47 -12.70 -4.40 35.66
CA GLN A 47 -13.41 -5.65 36.01
C GLN A 47 -13.04 -6.77 35.05
N ARG A 48 -12.99 -6.43 33.77
CA ARG A 48 -12.61 -7.38 32.71
C ARG A 48 -11.15 -7.80 32.87
N GLN A 49 -10.29 -6.81 33.08
CA GLN A 49 -8.84 -7.04 33.26
C GLN A 49 -8.59 -8.09 34.34
N LYS A 50 -9.34 -8.00 35.43
CA LYS A 50 -9.22 -8.95 36.54
C LYS A 50 -9.57 -10.37 36.11
N LYS A 51 -10.67 -10.51 35.37
CA LYS A 51 -11.16 -11.83 34.94
C LYS A 51 -10.22 -12.52 33.95
N VAL A 52 -9.66 -11.74 33.04
CA VAL A 52 -8.83 -12.29 31.95
C VAL A 52 -7.36 -12.52 32.34
N THR A 53 -7.02 -12.16 33.59
CA THR A 53 -5.65 -12.23 34.08
C THR A 53 -5.42 -13.43 34.99
N PHE A 54 -4.65 -14.40 34.51
CA PHE A 54 -4.33 -15.60 35.29
C PHE A 54 -3.15 -16.38 34.72
N ASP A 55 -2.59 -17.24 35.56
CA ASP A 55 -1.46 -18.08 35.18
C ASP A 55 -1.97 -19.27 34.37
N ARG A 56 -1.29 -19.56 33.27
CA ARG A 56 -1.63 -20.72 32.45
C ARG A 56 -0.69 -21.87 32.79
N LEU A 57 -1.30 -23.00 33.10
CA LEU A 57 -0.60 -24.26 33.26
C LEU A 57 -1.04 -25.18 32.15
N GLN A 58 -0.09 -25.55 31.30
CA GLN A 58 -0.40 -26.36 30.13
C GLN A 58 0.42 -27.64 30.14
N VAL A 59 -0.28 -28.77 30.08
CA VAL A 59 0.36 -30.07 29.96
C VAL A 59 -0.20 -30.80 28.75
N LEU A 60 0.67 -31.04 27.77
CA LEU A 60 0.29 -31.73 26.55
C LEU A 60 0.56 -33.22 26.68
N ASP A 61 -0.18 -34.01 25.91
CA ASP A 61 -0.07 -35.47 25.95
C ASP A 61 -0.01 -36.08 24.55
N SER A 62 -0.05 -37.41 24.50
CA SER A 62 0.11 -38.15 23.23
C SER A 62 -1.05 -37.87 22.27
N HIS A 63 -2.26 -37.79 22.80
CA HIS A 63 -3.45 -37.51 21.96
C HIS A 63 -3.33 -36.17 21.30
N TYR A 64 -2.87 -35.19 22.06
CA TYR A 64 -2.65 -33.84 21.52
C TYR A 64 -1.63 -33.86 20.40
N GLN A 65 -0.51 -34.53 20.62
CA GLN A 65 0.57 -34.58 19.62
C GLN A 65 0.14 -35.35 18.38
N ASP A 66 -0.70 -36.37 18.58
CA ASP A 66 -1.25 -37.16 17.46
C ASP A 66 -2.11 -36.29 16.54
N VAL A 67 -3.04 -35.57 17.15
CA VAL A 67 -3.93 -34.68 16.39
C VAL A 67 -3.14 -33.58 15.67
N LEU A 68 -2.16 -33.02 16.37
CA LEU A 68 -1.32 -31.95 15.81
C LEU A 68 -0.58 -32.43 14.54
N LYS A 69 -0.08 -33.66 14.60
CA LYS A 69 0.55 -34.30 13.44
C LYS A 69 -0.42 -34.39 12.26
N GLU A 70 -1.64 -34.80 12.56
CA GLU A 70 -2.71 -34.87 11.54
C GLU A 70 -2.95 -33.52 10.90
N VAL A 71 -3.04 -32.51 11.76
CA VAL A 71 -3.31 -31.12 11.31
C VAL A 71 -2.21 -30.63 10.37
N LYS A 72 -0.97 -30.88 10.78
CA LYS A 72 0.20 -30.44 9.99
C LYS A 72 0.24 -31.13 8.62
N ALA A 73 -0.10 -32.42 8.62
CA ALA A 73 -0.20 -33.20 7.38
C ALA A 73 -1.26 -32.60 6.45
N ALA A 74 -2.41 -32.24 7.01
CA ALA A 74 -3.50 -31.64 6.23
C ALA A 74 -3.10 -30.25 5.70
N ALA A 75 -2.41 -29.48 6.53
CA ALA A 75 -1.95 -28.13 6.17
C ALA A 75 -0.96 -28.15 5.01
N SER A 76 -0.22 -29.25 4.93
CA SER A 76 0.82 -29.43 3.90
C SER A 76 0.27 -29.52 2.49
N LYS A 77 -1.04 -29.74 2.37
CA LYS A 77 -1.71 -29.79 1.06
C LYS A 77 -2.10 -28.41 0.54
N VAL A 78 -1.99 -27.40 1.41
CA VAL A 78 -2.35 -26.03 1.04
C VAL A 78 -1.22 -25.26 0.36
N LYS A 79 -1.58 -24.55 -0.71
CA LYS A 79 -0.71 -23.57 -1.36
C LYS A 79 -1.32 -22.18 -1.17
N ALA A 80 -0.55 -21.31 -0.53
CA ALA A 80 -0.99 -19.95 -0.21
C ALA A 80 -0.06 -18.90 -0.82
N ASN A 81 -0.65 -17.79 -1.25
CA ASN A 81 0.08 -16.72 -1.93
C ASN A 81 0.22 -15.44 -1.11
N LEU A 82 1.26 -14.68 -1.42
CA LEU A 82 1.38 -13.32 -0.92
C LEU A 82 0.33 -12.47 -1.61
N LEU A 83 -0.31 -11.59 -0.85
CA LEU A 83 -1.10 -10.50 -1.42
C LEU A 83 -0.24 -9.26 -1.61
N SER A 84 -0.50 -8.55 -2.70
CA SER A 84 0.16 -7.26 -2.96
C SER A 84 -0.31 -6.21 -1.96
N VAL A 85 0.44 -5.11 -1.93
CA VAL A 85 0.09 -3.97 -1.07
C VAL A 85 -1.30 -3.44 -1.44
N GLU A 86 -1.55 -3.36 -2.75
CA GLU A 86 -2.81 -2.84 -3.28
C GLU A 86 -4.00 -3.73 -2.92
N GLU A 87 -3.78 -5.04 -3.00
CA GLU A 87 -4.82 -6.02 -2.68
C GLU A 87 -5.20 -5.96 -1.20
N ALA A 88 -4.18 -5.93 -0.35
CA ALA A 88 -4.36 -5.86 1.10
C ALA A 88 -5.05 -4.56 1.51
N CYS A 89 -4.67 -3.47 0.83
CA CYS A 89 -5.28 -2.15 1.08
C CYS A 89 -6.78 -2.18 0.85
N SER A 90 -7.18 -2.84 -0.23
CA SER A 90 -8.59 -2.92 -0.64
C SER A 90 -9.45 -3.80 0.26
N LEU A 91 -8.80 -4.66 1.05
CA LEU A 91 -9.49 -5.50 2.03
C LEU A 91 -9.68 -4.80 3.37
N THR A 92 -9.18 -3.57 3.47
CA THR A 92 -9.31 -2.74 4.68
C THR A 92 -10.66 -2.01 4.67
N PRO A 93 -11.45 -2.15 5.76
CA PRO A 93 -12.71 -1.43 5.86
C PRO A 93 -12.55 0.07 6.02
N PRO A 94 -13.54 0.84 5.54
CA PRO A 94 -13.47 2.30 5.53
C PRO A 94 -13.33 2.93 6.89
N HIS A 95 -13.92 2.28 7.89
CA HIS A 95 -13.94 2.82 9.27
C HIS A 95 -12.90 2.19 10.16
N SER A 96 -11.93 1.53 9.56
CA SER A 96 -10.81 0.93 10.30
C SER A 96 -10.03 1.99 11.05
N ALA A 97 -9.55 1.62 12.24
CA ALA A 97 -8.83 2.55 13.12
C ALA A 97 -7.64 3.19 12.44
N LYS A 98 -7.64 4.53 12.40
CA LYS A 98 -6.56 5.27 11.73
C LYS A 98 -5.19 4.99 12.33
N SER A 99 -4.17 5.15 11.50
CA SER A 99 -2.79 4.98 11.93
C SER A 99 -2.36 6.12 12.84
N LYS A 100 -1.38 5.84 13.68
CA LYS A 100 -0.74 6.87 14.51
C LYS A 100 0.23 7.71 13.67
N TYR A 101 0.55 7.21 12.48
CA TYR A 101 1.59 7.80 11.63
C TYR A 101 1.04 8.64 10.48
N GLY A 102 -0.06 9.36 10.75
CA GLY A 102 -0.51 10.45 9.89
C GLY A 102 -1.44 10.10 8.75
N TYR A 103 -2.07 8.94 8.83
CA TYR A 103 -3.06 8.51 7.82
C TYR A 103 -4.14 7.59 8.40
N GLY A 104 -5.18 7.39 7.61
CA GLY A 104 -6.35 6.59 8.02
C GLY A 104 -6.82 5.59 6.99
N ALA A 105 -7.96 4.97 7.27
CA ALA A 105 -8.50 3.89 6.44
C ALA A 105 -8.83 4.35 5.02
N LYS A 106 -9.35 5.57 4.90
CA LYS A 106 -9.68 6.16 3.59
C LYS A 106 -8.43 6.31 2.73
N ASP A 107 -7.35 6.70 3.39
CA ASP A 107 -6.05 6.88 2.72
C ASP A 107 -5.49 5.55 2.24
N VAL A 108 -5.67 4.51 3.05
CA VAL A 108 -5.23 3.16 2.70
C VAL A 108 -5.99 2.65 1.49
N ARG A 109 -7.32 2.80 1.53
CA ARG A 109 -8.20 2.31 0.46
C ARG A 109 -7.97 3.03 -0.87
N SER A 110 -7.52 4.27 -0.79
CA SER A 110 -7.21 5.08 -1.99
C SER A 110 -5.76 4.96 -2.44
N HIS A 111 -5.00 4.13 -1.74
CA HIS A 111 -3.57 3.88 -2.02
C HIS A 111 -2.75 5.15 -1.94
N ALA A 112 -3.08 6.00 -0.98
CA ALA A 112 -2.40 7.29 -0.79
C ALA A 112 -0.93 7.12 -0.45
N SER A 113 -0.12 8.07 -0.91
CA SER A 113 1.35 8.00 -0.83
C SER A 113 1.91 7.81 0.57
N ARG A 114 1.38 8.56 1.53
CA ARG A 114 1.87 8.49 2.91
C ARG A 114 1.55 7.13 3.53
N ALA A 115 0.33 6.66 3.27
CA ALA A 115 -0.13 5.35 3.75
C ALA A 115 0.75 4.23 3.21
N VAL A 116 0.84 4.16 1.89
CA VAL A 116 1.62 3.13 1.19
C VAL A 116 3.09 3.16 1.59
N ALA A 117 3.61 4.37 1.77
CA ALA A 117 5.00 4.57 2.20
C ALA A 117 5.26 3.88 3.54
N HIS A 118 4.38 4.15 4.51
CA HIS A 118 4.49 3.57 5.85
C HIS A 118 4.35 2.09 5.83
N ILE A 119 3.38 1.61 5.04
CA ILE A 119 3.11 0.17 4.89
C ILE A 119 4.33 -0.57 4.34
N ASN A 120 4.95 0.02 3.32
CA ASN A 120 6.18 -0.53 2.72
C ASN A 120 7.31 -0.62 3.73
N SER A 121 7.42 0.41 4.58
CA SER A 121 8.48 0.46 5.60
C SER A 121 8.23 -0.58 6.69
N VAL A 122 6.97 -0.72 7.09
CA VAL A 122 6.58 -1.74 8.07
C VAL A 122 6.92 -3.14 7.57
N TRP A 123 6.60 -3.40 6.30
CA TRP A 123 6.91 -4.68 5.65
C TRP A 123 8.39 -4.95 5.64
N LYS A 124 9.17 -3.93 5.29
CA LYS A 124 10.64 -4.02 5.27
C LYS A 124 11.18 -4.36 6.65
N ASP A 125 10.62 -3.70 7.66
CA ASP A 125 11.02 -3.90 9.06
C ASP A 125 10.71 -5.33 9.52
N LEU A 126 9.58 -5.85 9.06
CA LEU A 126 9.19 -7.25 9.34
C LEU A 126 10.20 -8.24 8.77
N LEU A 127 10.71 -7.94 7.59
CA LEU A 127 11.70 -8.80 6.90
C LEU A 127 13.08 -8.70 7.54
N GLU A 128 13.37 -7.54 8.12
CA GLU A 128 14.70 -7.26 8.68
C GLU A 128 14.81 -7.57 10.17
N ASP A 129 13.70 -7.44 10.88
CA ASP A 129 13.64 -7.63 12.35
C ASP A 129 12.60 -8.68 12.72
N SER A 130 13.05 -9.74 13.38
CA SER A 130 12.18 -10.85 13.80
C SER A 130 11.98 -10.97 15.30
N VAL A 131 12.42 -9.97 16.06
CA VAL A 131 12.45 -10.07 17.54
C VAL A 131 11.74 -8.96 18.32
N THR A 132 11.90 -7.71 17.88
CA THR A 132 11.40 -6.55 18.66
C THR A 132 9.87 -6.53 18.74
N PRO A 133 9.31 -6.60 19.96
CA PRO A 133 7.87 -6.64 20.05
C PRO A 133 7.20 -5.41 19.44
N ILE A 134 6.10 -5.66 18.75
CA ILE A 134 5.34 -4.59 18.08
C ILE A 134 4.30 -4.03 19.04
N ASP A 135 4.20 -2.71 19.05
CA ASP A 135 3.25 -2.03 19.94
C ASP A 135 1.80 -2.35 19.57
N THR A 136 0.96 -2.39 20.58
CA THR A 136 -0.47 -2.58 20.40
C THR A 136 -1.27 -1.59 21.22
N THR A 137 -2.45 -1.24 20.72
CA THR A 137 -3.40 -0.44 21.47
C THR A 137 -4.42 -1.34 22.15
N ILE A 138 -4.69 -1.02 23.42
CA ILE A 138 -5.78 -1.66 24.15
C ILE A 138 -6.96 -0.70 24.30
N MET A 139 -8.15 -1.20 23.94
CA MET A 139 -9.40 -0.44 24.04
C MET A 139 -10.53 -1.27 24.65
N ALA A 140 -11.50 -0.56 25.22
CA ALA A 140 -12.70 -1.19 25.75
C ALA A 140 -13.78 -1.17 24.68
N LYS A 141 -14.27 -2.36 24.32
CA LYS A 141 -15.35 -2.46 23.34
C LYS A 141 -16.62 -1.82 23.88
N ASN A 142 -17.29 -1.08 23.00
CA ASN A 142 -18.60 -0.49 23.31
C ASN A 142 -19.69 -1.32 22.67
N GLU A 143 -20.25 -2.23 23.46
CA GLU A 143 -21.30 -3.14 23.00
C GLU A 143 -22.56 -3.03 23.85
N VAL A 144 -23.69 -3.19 23.19
CA VAL A 144 -25.00 -2.98 23.81
C VAL A 144 -25.63 -4.29 24.29
N PHE A 145 -26.13 -4.24 25.51
CA PHE A 145 -26.86 -5.36 26.12
C PHE A 145 -28.10 -4.89 26.88
N CYS A 146 -28.90 -5.87 27.32
CA CYS A 146 -30.00 -5.62 28.24
C CYS A 146 -29.60 -6.14 29.63
N VAL A 147 -29.92 -5.36 30.65
CA VAL A 147 -29.57 -5.75 32.02
C VAL A 147 -30.37 -6.98 32.45
N GLN A 148 -29.69 -7.89 33.13
CA GLN A 148 -30.31 -9.07 33.72
C GLN A 148 -29.99 -9.07 35.21
N PRO A 149 -30.83 -8.39 36.01
CA PRO A 149 -30.57 -8.16 37.44
C PRO A 149 -30.26 -9.42 38.23
N GLU A 150 -30.98 -10.49 37.95
CA GLU A 150 -30.76 -11.77 38.65
C GLU A 150 -29.42 -12.39 38.30
N LYS A 151 -28.91 -12.06 37.12
CA LYS A 151 -27.67 -12.67 36.59
C LYS A 151 -26.44 -11.77 36.79
N GLY A 152 -26.50 -10.91 37.80
CA GLY A 152 -25.34 -10.08 38.18
C GLY A 152 -25.20 -8.73 37.49
N GLY A 153 -26.34 -8.13 37.14
CA GLY A 153 -26.38 -6.75 36.62
C GLY A 153 -25.89 -6.50 35.20
N ARG A 154 -24.76 -5.79 35.11
CA ARG A 154 -24.16 -5.34 33.85
C ARG A 154 -22.87 -6.11 33.51
N LYS A 155 -22.73 -6.53 32.26
CA LYS A 155 -21.50 -7.18 31.79
C LYS A 155 -20.38 -6.15 31.68
N PRO A 156 -19.14 -6.52 32.07
CA PRO A 156 -18.03 -5.61 31.83
C PRO A 156 -17.63 -5.59 30.37
N ALA A 157 -16.98 -4.50 29.96
CA ALA A 157 -16.55 -4.34 28.58
C ALA A 157 -15.51 -5.39 28.20
N ARG A 158 -15.64 -5.93 26.99
CA ARG A 158 -14.57 -6.75 26.42
C ARG A 158 -13.40 -5.86 26.02
N LEU A 159 -12.20 -6.44 26.10
CA LEU A 159 -10.98 -5.73 25.73
C LEU A 159 -10.55 -6.11 24.32
N ILE A 160 -10.34 -5.10 23.50
CA ILE A 160 -9.79 -5.29 22.15
C ILE A 160 -8.33 -4.81 22.11
N VAL A 161 -7.49 -5.65 21.53
CA VAL A 161 -6.06 -5.37 21.39
C VAL A 161 -5.65 -5.47 19.94
N PHE A 162 -5.09 -4.39 19.40
CA PHE A 162 -4.76 -4.31 17.98
C PHE A 162 -3.51 -3.48 17.69
N PRO A 163 -2.75 -3.86 16.64
CA PRO A 163 -1.61 -3.07 16.24
C PRO A 163 -2.03 -1.95 15.31
N ASP A 164 -1.05 -1.16 14.90
CA ASP A 164 -1.29 -0.01 14.03
C ASP A 164 -1.79 -0.46 12.67
N LEU A 165 -2.55 0.42 12.03
CA LEU A 165 -3.13 0.18 10.69
C LEU A 165 -2.11 -0.35 9.68
N GLY A 166 -0.91 0.23 9.72
CA GLY A 166 0.19 -0.19 8.84
C GLY A 166 0.53 -1.67 8.99
N VAL A 167 0.60 -2.11 10.24
CA VAL A 167 0.88 -3.51 10.55
C VAL A 167 -0.27 -4.40 10.10
N ARG A 168 -1.49 -3.92 10.29
CA ARG A 168 -2.70 -4.68 9.96
C ARG A 168 -2.76 -4.99 8.45
N VAL A 169 -2.34 -4.03 7.64
CA VAL A 169 -2.28 -4.23 6.18
C VAL A 169 -1.22 -5.28 5.84
N CYS A 170 -0.08 -5.20 6.52
CA CYS A 170 1.01 -6.17 6.33
C CYS A 170 0.60 -7.58 6.71
N GLU A 171 -0.22 -7.70 7.75
CA GLU A 171 -0.74 -9.01 8.17
C GLU A 171 -1.50 -9.66 7.03
N LYS A 172 -2.30 -8.85 6.36
CA LYS A 172 -3.11 -9.31 5.23
C LYS A 172 -2.21 -9.80 4.12
N MET A 173 -1.16 -9.05 3.83
CA MET A 173 -0.23 -9.42 2.76
C MET A 173 0.37 -10.80 3.04
N ALA A 174 0.83 -10.98 4.28
CA ALA A 174 1.49 -12.22 4.68
C ALA A 174 0.55 -13.43 4.82
N LEU A 175 -0.67 -13.18 5.32
CA LEU A 175 -1.50 -14.27 5.89
C LEU A 175 -2.95 -14.39 5.40
N TYR A 176 -3.44 -13.41 4.66
CA TYR A 176 -4.86 -13.44 4.29
C TYR A 176 -5.20 -14.70 3.50
N ASP A 177 -4.35 -15.05 2.55
CA ASP A 177 -4.56 -16.25 1.72
C ASP A 177 -4.45 -17.54 2.53
N VAL A 178 -3.59 -17.52 3.54
CA VAL A 178 -3.43 -18.65 4.45
C VAL A 178 -4.68 -18.86 5.32
N VAL A 179 -5.12 -17.80 5.99
CA VAL A 179 -6.30 -17.89 6.89
C VAL A 179 -7.58 -18.21 6.11
N SER A 180 -7.58 -17.84 4.83
CA SER A 180 -8.68 -18.13 3.90
C SER A 180 -8.79 -19.59 3.49
N LYS A 181 -7.65 -20.27 3.41
CA LYS A 181 -7.59 -21.64 2.86
C LYS A 181 -7.35 -22.73 3.91
N LEU A 182 -6.56 -22.40 4.92
CA LEU A 182 -6.04 -23.41 5.87
C LEU A 182 -7.08 -24.12 6.74
N PRO A 183 -7.97 -23.35 7.41
CA PRO A 183 -8.94 -23.97 8.32
C PRO A 183 -9.81 -25.03 7.66
N LEU A 184 -10.32 -24.72 6.47
CA LEU A 184 -11.16 -25.65 5.71
C LEU A 184 -10.38 -26.91 5.37
N ALA A 185 -9.14 -26.71 4.93
CA ALA A 185 -8.25 -27.80 4.53
C ALA A 185 -7.96 -28.74 5.71
N VAL A 186 -7.76 -28.15 6.88
CA VAL A 186 -7.41 -28.91 8.09
C VAL A 186 -8.62 -29.58 8.72
N MET A 187 -9.71 -28.83 8.81
CA MET A 187 -10.85 -29.23 9.66
C MET A 187 -12.02 -29.84 8.88
N GLY A 188 -12.05 -29.60 7.56
CA GLY A 188 -13.13 -30.11 6.72
C GLY A 188 -14.51 -29.68 7.20
N SER A 189 -15.37 -30.67 7.43
CA SER A 189 -16.77 -30.44 7.82
C SER A 189 -16.92 -29.77 9.19
N SER A 190 -15.89 -29.90 10.02
CA SER A 190 -15.88 -29.29 11.37
C SER A 190 -15.70 -27.77 11.36
N TYR A 191 -15.26 -27.23 10.22
CA TYR A 191 -15.03 -25.79 10.09
C TYR A 191 -16.35 -25.02 9.98
N GLY A 192 -16.69 -24.32 11.05
CA GLY A 192 -17.99 -23.70 11.20
C GLY A 192 -18.32 -22.60 10.21
N PHE A 193 -17.31 -21.80 9.88
CA PHE A 193 -17.47 -20.58 9.06
C PHE A 193 -17.90 -20.86 7.62
N GLN A 194 -17.66 -22.08 7.16
CA GLN A 194 -17.96 -22.47 5.77
C GLN A 194 -19.45 -22.54 5.46
N TYR A 195 -20.27 -22.64 6.49
CA TYR A 195 -21.72 -22.85 6.34
C TYR A 195 -22.54 -21.57 6.41
N SER A 196 -23.46 -21.47 5.46
CA SER A 196 -24.60 -20.57 5.59
C SER A 196 -25.51 -21.12 6.70
N PRO A 197 -26.41 -20.27 7.25
CA PRO A 197 -27.30 -20.72 8.32
C PRO A 197 -28.10 -21.97 7.95
N GLY A 198 -28.58 -21.98 6.70
CA GLY A 198 -29.33 -23.12 6.16
C GLY A 198 -28.51 -24.39 6.06
N GLN A 199 -27.27 -24.23 5.61
CA GLN A 199 -26.31 -25.34 5.52
C GLN A 199 -25.91 -25.84 6.91
N ARG A 200 -25.77 -24.91 7.84
CA ARG A 200 -25.37 -25.23 9.22
C ARG A 200 -26.43 -26.10 9.87
N VAL A 201 -27.68 -25.69 9.66
CA VAL A 201 -28.86 -26.41 10.19
C VAL A 201 -28.90 -27.83 9.66
N GLU A 202 -28.70 -27.94 8.34
CA GLU A 202 -28.70 -29.24 7.66
C GLU A 202 -27.60 -30.15 8.20
N PHE A 203 -26.41 -29.58 8.40
CA PHE A 203 -25.26 -30.32 8.94
C PHE A 203 -25.56 -30.90 10.32
N LEU A 204 -26.13 -30.07 11.18
CA LEU A 204 -26.45 -30.46 12.57
C LEU A 204 -27.53 -31.53 12.63
N VAL A 205 -28.56 -31.38 11.80
CA VAL A 205 -29.68 -32.33 11.76
C VAL A 205 -29.20 -33.70 11.27
N GLN A 206 -28.38 -33.69 10.21
CA GLN A 206 -27.82 -34.95 9.66
C GLN A 206 -26.87 -35.63 10.64
N ALA A 207 -26.05 -34.83 11.31
CA ALA A 207 -25.13 -35.33 12.33
C ALA A 207 -25.90 -36.02 13.46
N TRP A 208 -26.97 -35.36 13.90
CA TRP A 208 -27.83 -35.87 14.98
C TRP A 208 -28.50 -37.15 14.58
N LYS A 209 -29.01 -37.16 13.35
CA LYS A 209 -29.73 -38.33 12.82
C LYS A 209 -28.80 -39.50 12.53
N SER A 210 -27.52 -39.22 12.32
CA SER A 210 -26.53 -40.26 11.96
C SER A 210 -26.22 -41.21 13.12
N LYS A 211 -26.51 -40.78 14.34
CA LYS A 211 -26.23 -41.58 15.55
C LYS A 211 -27.42 -42.46 15.91
N LYS A 212 -27.13 -43.66 16.42
CA LYS A 212 -28.17 -44.58 16.90
C LYS A 212 -28.91 -43.94 18.07
N THR A 213 -28.13 -43.50 19.05
CA THR A 213 -28.63 -42.73 20.19
C THR A 213 -27.74 -41.51 20.38
N PRO A 214 -28.13 -40.37 19.78
CA PRO A 214 -27.27 -39.20 19.84
C PRO A 214 -27.19 -38.57 21.21
N MET A 215 -25.98 -38.16 21.55
CA MET A 215 -25.74 -37.26 22.67
C MET A 215 -24.89 -36.09 22.18
N GLY A 216 -25.23 -34.90 22.65
CA GLY A 216 -24.51 -33.69 22.27
C GLY A 216 -24.27 -32.75 23.43
N PHE A 217 -23.23 -31.93 23.29
CA PHE A 217 -22.94 -30.88 24.27
C PHE A 217 -22.17 -29.74 23.63
N SER A 218 -22.34 -28.55 24.24
CA SER A 218 -21.49 -27.42 23.93
C SER A 218 -20.43 -27.30 25.01
N TYR A 219 -19.26 -26.81 24.63
CA TYR A 219 -18.18 -26.56 25.58
C TYR A 219 -17.77 -25.10 25.54
N ASP A 220 -18.02 -24.40 26.65
CA ASP A 220 -17.70 -22.97 26.78
C ASP A 220 -16.42 -22.78 27.60
N THR A 221 -15.32 -22.51 26.91
CA THR A 221 -14.05 -22.20 27.57
C THR A 221 -14.12 -20.82 28.23
N ARG A 222 -13.69 -20.76 29.49
CA ARG A 222 -13.60 -19.50 30.22
C ARG A 222 -12.46 -18.64 29.67
N CYS A 223 -12.81 -17.46 29.15
CA CYS A 223 -11.83 -16.47 28.66
C CYS A 223 -10.84 -17.10 27.69
N PHE A 224 -11.36 -17.65 26.59
CA PHE A 224 -10.56 -18.44 25.64
C PHE A 224 -9.27 -17.74 25.23
N ASP A 225 -9.38 -16.47 24.86
CA ASP A 225 -8.21 -15.71 24.37
C ASP A 225 -7.05 -15.74 25.38
N SER A 226 -7.38 -15.66 26.67
CA SER A 226 -6.36 -15.68 27.74
C SER A 226 -5.77 -17.06 27.96
N THR A 227 -6.53 -18.10 27.62
CA THR A 227 -6.07 -19.49 27.78
C THR A 227 -5.06 -19.89 26.71
N VAL A 228 -5.06 -19.15 25.60
CA VAL A 228 -4.11 -19.39 24.52
C VAL A 228 -2.71 -18.99 24.97
N THR A 229 -1.84 -19.99 25.05
CA THR A 229 -0.45 -19.81 25.49
C THR A 229 0.50 -19.43 24.37
N GLU A 230 1.71 -19.08 24.77
CA GLU A 230 2.78 -18.75 23.82
C GLU A 230 3.08 -19.95 22.93
N SER A 231 3.12 -21.14 23.53
CA SER A 231 3.39 -22.38 22.79
C SER A 231 2.27 -22.68 21.78
N ASP A 232 1.03 -22.38 22.17
CA ASP A 232 -0.15 -22.52 21.28
C ASP A 232 0.01 -21.66 20.02
N ILE A 233 0.45 -20.43 20.23
CA ILE A 233 0.60 -19.43 19.15
C ILE A 233 1.77 -19.79 18.24
N ARG A 234 2.84 -20.30 18.83
CA ARG A 234 4.02 -20.77 18.09
C ARG A 234 3.71 -22.03 17.29
N THR A 235 2.84 -22.87 17.85
CA THR A 235 2.34 -24.05 17.15
C THR A 235 1.50 -23.66 15.93
N GLU A 236 0.72 -22.60 16.09
CA GLU A 236 -0.08 -22.07 14.97
C GLU A 236 0.84 -21.64 13.83
N GLU A 237 1.93 -20.97 14.20
CA GLU A 237 2.97 -20.55 13.24
C GLU A 237 3.54 -21.76 12.49
N ALA A 238 3.85 -22.81 13.24
CA ALA A 238 4.40 -24.05 12.67
C ALA A 238 3.42 -24.66 11.66
N ILE A 239 2.14 -24.59 11.98
CA ILE A 239 1.08 -25.11 11.09
C ILE A 239 1.01 -24.27 9.81
N TYR A 240 1.05 -22.95 9.95
CA TYR A 240 1.05 -22.04 8.78
C TYR A 240 2.22 -22.37 7.85
N GLN A 241 3.38 -22.65 8.45
CA GLN A 241 4.62 -22.93 7.69
C GLN A 241 4.59 -24.28 6.96
N CYS A 242 3.61 -25.12 7.28
CA CYS A 242 3.44 -26.41 6.58
C CYS A 242 2.92 -26.21 5.16
N CYS A 243 2.29 -25.07 4.91
CA CYS A 243 1.85 -24.71 3.57
C CYS A 243 3.02 -24.47 2.63
N ASP A 244 2.74 -24.57 1.33
CA ASP A 244 3.65 -24.06 0.31
C ASP A 244 3.47 -22.55 0.25
N LEU A 245 4.48 -21.83 0.72
CA LEU A 245 4.45 -20.36 0.83
C LEU A 245 5.58 -19.70 0.04
N ASP A 246 5.42 -18.41 -0.20
CA ASP A 246 6.48 -17.56 -0.76
C ASP A 246 7.56 -17.38 0.29
N PRO A 247 8.85 -17.35 -0.12
CA PRO A 247 9.95 -17.14 0.82
C PRO A 247 9.77 -15.93 1.73
N GLN A 248 9.36 -14.80 1.15
CA GLN A 248 9.13 -13.57 1.93
C GLN A 248 7.99 -13.72 2.92
N ALA A 249 6.97 -14.47 2.51
CA ALA A 249 5.82 -14.76 3.38
C ALA A 249 6.26 -15.49 4.65
N ARG A 250 7.12 -16.49 4.45
CA ARG A 250 7.63 -17.32 5.56
C ARG A 250 8.33 -16.45 6.61
N VAL A 251 9.13 -15.49 6.15
CA VAL A 251 9.87 -14.59 7.04
C VAL A 251 8.92 -13.70 7.83
N ALA A 252 8.00 -13.06 7.10
CA ALA A 252 7.03 -12.13 7.68
C ALA A 252 6.13 -12.81 8.70
N ILE A 253 5.72 -14.04 8.39
CA ILE A 253 4.85 -14.82 9.26
C ILE A 253 5.53 -15.13 10.60
N LYS A 254 6.81 -15.48 10.52
CA LYS A 254 7.64 -15.75 11.70
C LYS A 254 7.81 -14.48 12.52
N SER A 255 8.11 -13.39 11.83
CA SER A 255 8.28 -12.08 12.46
C SER A 255 7.01 -11.63 13.17
N LEU A 256 5.88 -11.74 12.46
CA LEU A 256 4.58 -11.37 13.03
C LEU A 256 4.24 -12.23 14.25
N THR A 257 4.58 -13.51 14.17
CA THR A 257 4.35 -14.43 15.29
C THR A 257 5.15 -14.01 16.53
N GLU A 258 6.45 -13.83 16.36
CA GLU A 258 7.36 -13.54 17.49
C GLU A 258 7.21 -12.12 18.04
N ARG A 259 6.88 -11.18 17.16
CA ARG A 259 6.81 -9.75 17.54
C ARG A 259 5.41 -9.26 17.90
N LEU A 260 4.38 -9.98 17.46
CA LEU A 260 3.00 -9.54 17.63
C LEU A 260 2.08 -10.60 18.25
N TYR A 261 1.96 -11.74 17.58
CA TYR A 261 0.97 -12.75 17.98
C TYR A 261 1.24 -13.39 19.33
N VAL A 262 2.49 -13.72 19.61
CA VAL A 262 2.87 -14.39 20.88
C VAL A 262 2.73 -13.46 22.08
N GLY A 263 2.74 -12.16 21.82
CA GLY A 263 2.62 -11.17 22.89
C GLY A 263 3.21 -9.82 22.54
N GLY A 264 3.17 -8.92 23.51
CA GLY A 264 3.71 -7.58 23.35
C GLY A 264 3.14 -6.55 24.31
N PRO A 265 3.69 -5.33 24.26
CA PRO A 265 3.22 -4.28 25.15
C PRO A 265 1.84 -3.75 24.77
N LEU A 266 1.14 -3.28 25.79
CA LEU A 266 -0.20 -2.72 25.66
C LEU A 266 -0.15 -1.23 25.98
N THR A 267 -0.62 -0.43 25.03
CA THR A 267 -0.68 1.03 25.16
C THR A 267 -2.12 1.52 25.07
N ASN A 268 -2.51 2.38 26.01
CA ASN A 268 -3.86 2.96 25.99
C ASN A 268 -3.98 4.11 24.98
N SER A 269 -5.18 4.67 24.87
CA SER A 269 -5.47 5.72 23.89
C SER A 269 -4.72 7.03 24.16
N ARG A 270 -4.27 7.19 25.40
CA ARG A 270 -3.49 8.37 25.80
C ARG A 270 -1.98 8.15 25.66
N GLY A 271 -1.61 7.01 25.09
CA GLY A 271 -0.21 6.67 24.85
C GLY A 271 0.53 6.11 26.04
N GLU A 272 -0.20 5.82 27.11
CA GLU A 272 0.38 5.28 28.35
C GLU A 272 0.54 3.77 28.30
N ASN A 273 1.60 3.27 28.97
CA ASN A 273 1.90 1.84 29.04
C ASN A 273 1.00 1.15 30.05
N CYS A 274 0.07 0.36 29.52
CA CYS A 274 -0.88 -0.40 30.34
C CYS A 274 -0.35 -1.70 30.91
N GLY A 275 0.57 -2.30 30.20
CA GLY A 275 1.07 -3.62 30.57
C GLY A 275 1.59 -4.44 29.41
N TYR A 276 1.57 -5.75 29.62
CA TYR A 276 2.13 -6.69 28.67
C TYR A 276 1.23 -7.91 28.50
N ARG A 277 1.09 -8.32 27.25
CA ARG A 277 0.24 -9.45 26.87
C ARG A 277 1.09 -10.66 26.53
N ARG A 278 0.67 -11.82 27.03
CA ARG A 278 1.31 -13.11 26.73
C ARG A 278 0.28 -14.15 26.29
N CYS A 279 -0.75 -13.68 25.61
CA CYS A 279 -1.85 -14.52 25.13
C CYS A 279 -2.40 -13.97 23.81
N ARG A 280 -3.55 -14.48 23.40
CA ARG A 280 -4.17 -14.07 22.14
C ARG A 280 -4.55 -12.60 22.10
N ALA A 281 -4.18 -11.93 21.02
CA ALA A 281 -4.68 -10.60 20.70
C ALA A 281 -6.01 -10.75 19.97
N SER A 282 -7.06 -10.09 20.48
CA SER A 282 -8.40 -10.15 19.87
C SER A 282 -8.47 -9.49 18.51
N GLY A 283 -7.60 -8.51 18.28
CA GLY A 283 -7.72 -7.62 17.14
C GLY A 283 -6.64 -7.81 16.10
N VAL A 284 -6.27 -9.06 15.86
CA VAL A 284 -5.32 -9.39 14.79
C VAL A 284 -5.95 -10.33 13.76
N LEU A 285 -5.32 -10.41 12.59
CA LEU A 285 -5.88 -11.15 11.44
C LEU A 285 -6.08 -12.63 11.75
N THR A 286 -5.18 -13.19 12.56
CA THR A 286 -5.17 -14.63 12.83
C THR A 286 -6.00 -15.04 14.03
N THR A 287 -6.70 -14.10 14.64
CA THR A 287 -7.48 -14.40 15.85
C THR A 287 -8.52 -15.48 15.58
N SER A 288 -9.27 -15.31 14.50
CA SER A 288 -10.35 -16.25 14.14
C SER A 288 -9.80 -17.62 13.77
N CYS A 289 -8.91 -17.63 12.77
CA CYS A 289 -8.26 -18.85 12.29
C CYS A 289 -7.54 -19.57 13.43
N GLY A 290 -6.75 -18.79 14.17
CA GLY A 290 -5.96 -19.31 15.28
C GLY A 290 -6.81 -19.93 16.37
N ASN A 291 -7.85 -19.22 16.78
CA ASN A 291 -8.75 -19.70 17.83
C ASN A 291 -9.46 -20.98 17.39
N THR A 292 -9.96 -20.97 16.16
CA THR A 292 -10.65 -22.13 15.60
C THR A 292 -9.76 -23.36 15.58
N LEU A 293 -8.55 -23.17 15.07
CA LEU A 293 -7.56 -24.25 14.95
C LEU A 293 -7.17 -24.83 16.30
N THR A 294 -6.84 -23.94 17.24
CA THR A 294 -6.38 -24.34 18.57
C THR A 294 -7.49 -25.02 19.37
N CYS A 295 -8.70 -24.47 19.25
CA CYS A 295 -9.88 -25.08 19.85
C CYS A 295 -10.12 -26.48 19.29
N TYR A 296 -10.04 -26.58 17.97
CA TYR A 296 -10.22 -27.85 17.25
C TYR A 296 -9.20 -28.91 17.69
N ILE A 297 -7.93 -28.53 17.72
CA ILE A 297 -6.84 -29.44 18.10
C ILE A 297 -7.05 -29.98 19.52
N LYS A 298 -7.32 -29.06 20.43
CA LYS A 298 -7.53 -29.39 21.85
C LYS A 298 -8.77 -30.25 22.05
N ALA A 299 -9.86 -29.85 21.41
CA ALA A 299 -11.15 -30.57 21.50
C ALA A 299 -11.05 -31.98 20.90
N ARG A 300 -10.39 -32.08 19.75
CA ARG A 300 -10.26 -33.37 19.05
C ARG A 300 -9.45 -34.34 19.91
N ALA A 301 -8.38 -33.83 20.49
CA ALA A 301 -7.55 -34.59 21.42
C ALA A 301 -8.33 -34.99 22.67
N ALA A 302 -9.09 -34.04 23.22
CA ALA A 302 -9.88 -34.24 24.43
C ALA A 302 -10.97 -35.30 24.23
N CYS A 303 -11.57 -35.31 23.03
CA CYS A 303 -12.57 -36.34 22.66
C CYS A 303 -12.00 -37.75 22.75
N ARG A 304 -10.72 -37.88 22.39
CA ARG A 304 -10.03 -39.18 22.43
C ARG A 304 -9.73 -39.57 23.87
N ALA A 305 -9.26 -38.60 24.65
CA ALA A 305 -8.97 -38.82 26.08
C ALA A 305 -10.23 -39.18 26.86
N ALA A 306 -11.35 -38.57 26.47
CA ALA A 306 -12.64 -38.78 27.12
C ALA A 306 -13.33 -40.08 26.69
N GLY A 307 -12.78 -40.72 25.66
CA GLY A 307 -13.34 -41.97 25.14
C GLY A 307 -14.70 -41.78 24.48
N LEU A 308 -14.92 -40.60 23.91
CA LEU A 308 -16.16 -40.32 23.19
C LEU A 308 -16.19 -41.09 21.88
N GLN A 309 -17.36 -41.62 21.55
CA GLN A 309 -17.53 -42.53 20.42
C GLN A 309 -18.22 -41.87 19.24
N ASP A 310 -17.61 -42.01 18.06
CA ASP A 310 -18.18 -41.54 16.79
C ASP A 310 -18.52 -40.05 16.88
N CYS A 311 -17.50 -39.26 17.20
CA CYS A 311 -17.64 -37.82 17.38
C CYS A 311 -17.80 -37.07 16.07
N THR A 312 -18.81 -36.21 16.04
CA THR A 312 -18.92 -35.15 15.03
C THR A 312 -18.78 -33.82 15.74
N MET A 313 -17.75 -33.06 15.37
CA MET A 313 -17.51 -31.74 15.96
C MET A 313 -17.87 -30.60 15.01
N LEU A 314 -18.25 -29.49 15.62
CA LEU A 314 -18.43 -28.22 14.89
C LEU A 314 -17.79 -27.09 15.70
N VAL A 315 -16.90 -26.36 15.04
CA VAL A 315 -16.05 -25.37 15.71
C VAL A 315 -16.10 -24.01 15.02
N TYR A 316 -16.44 -22.99 15.80
CA TYR A 316 -16.47 -21.59 15.35
C TYR A 316 -15.74 -20.72 16.37
N GLY A 317 -14.52 -20.34 16.03
CA GLY A 317 -13.65 -19.64 16.97
C GLY A 317 -13.50 -20.44 18.25
N ASP A 318 -13.88 -19.83 19.37
CA ASP A 318 -13.82 -20.50 20.69
C ASP A 318 -15.10 -21.30 21.00
N ASP A 319 -16.07 -21.24 20.09
CA ASP A 319 -17.33 -21.99 20.26
C ASP A 319 -17.23 -23.40 19.69
N LEU A 320 -17.64 -24.35 20.51
CA LEU A 320 -17.47 -25.77 20.20
C LEU A 320 -18.70 -26.58 20.59
N VAL A 321 -19.14 -27.41 19.64
CA VAL A 321 -20.20 -28.40 19.87
C VAL A 321 -19.73 -29.77 19.42
N VAL A 322 -19.97 -30.77 20.27
CA VAL A 322 -19.69 -32.15 19.94
C VAL A 322 -20.98 -32.95 19.95
N ILE A 323 -21.19 -33.71 18.89
CA ILE A 323 -22.29 -34.67 18.79
C ILE A 323 -21.70 -36.07 18.62
N CYS A 324 -22.12 -36.99 19.48
CA CYS A 324 -21.54 -38.32 19.53
C CYS A 324 -22.56 -39.44 19.81
N GLU A 325 -22.06 -40.67 19.75
CA GLU A 325 -22.86 -41.86 20.03
C GLU A 325 -22.89 -42.16 21.53
N SER A 326 -24.09 -42.12 22.11
CA SER A 326 -24.25 -42.32 23.57
C SER A 326 -23.79 -43.69 24.04
N ALA A 327 -23.17 -43.70 25.22
CA ALA A 327 -22.71 -44.92 25.89
C ALA A 327 -23.57 -45.27 27.10
N GLY A 328 -24.65 -44.51 27.27
CA GLY A 328 -25.49 -44.58 28.48
C GLY A 328 -25.38 -43.28 29.27
N VAL A 329 -26.35 -43.05 30.16
CA VAL A 329 -26.46 -41.77 30.85
C VAL A 329 -25.27 -41.49 31.79
N GLN A 330 -24.97 -42.46 32.65
CA GLN A 330 -23.87 -42.28 33.61
C GLN A 330 -22.51 -42.37 32.91
N GLU A 331 -22.45 -43.20 31.88
CA GLU A 331 -21.24 -43.35 31.05
C GLU A 331 -20.91 -42.04 30.34
N ASP A 332 -21.95 -41.42 29.78
CA ASP A 332 -21.83 -40.14 29.06
C ASP A 332 -21.38 -39.01 30.00
N ALA A 333 -22.01 -38.96 31.18
CA ALA A 333 -21.72 -37.94 32.18
C ALA A 333 -20.25 -37.99 32.62
N ALA A 334 -19.75 -39.20 32.79
CA ALA A 334 -18.36 -39.43 33.19
C ALA A 334 -17.38 -39.06 32.07
N SER A 335 -17.76 -39.39 30.84
CA SER A 335 -16.92 -39.12 29.68
C SER A 335 -16.79 -37.61 29.47
N LEU A 336 -17.88 -36.90 29.75
CA LEU A 336 -17.92 -35.44 29.64
C LEU A 336 -17.02 -34.78 30.71
N ARG A 337 -17.01 -35.36 31.90
CA ARG A 337 -16.10 -34.92 32.96
C ARG A 337 -14.63 -35.15 32.56
N ALA A 338 -14.39 -36.27 31.90
CA ALA A 338 -13.06 -36.61 31.38
C ALA A 338 -12.63 -35.63 30.29
N PHE A 339 -13.58 -35.28 29.43
CA PHE A 339 -13.36 -34.31 28.34
C PHE A 339 -12.91 -32.98 28.94
N THR A 340 -13.66 -32.53 29.94
CA THR A 340 -13.36 -31.29 30.66
C THR A 340 -11.98 -31.33 31.31
N GLU A 341 -11.64 -32.47 31.90
CA GLU A 341 -10.33 -32.66 32.56
C GLU A 341 -9.19 -32.52 31.54
N ALA A 342 -9.38 -33.12 30.36
CA ALA A 342 -8.39 -33.06 29.29
C ALA A 342 -8.23 -31.63 28.77
N MET A 343 -9.35 -30.97 28.50
CA MET A 343 -9.36 -29.58 28.00
C MET A 343 -8.68 -28.66 29.01
N THR A 344 -8.95 -28.90 30.28
CA THR A 344 -8.35 -28.13 31.38
C THR A 344 -6.83 -28.28 31.39
N ARG A 345 -6.38 -29.52 31.23
CA ARG A 345 -4.95 -29.84 31.14
C ARG A 345 -4.31 -29.11 29.96
N TYR A 346 -5.09 -29.00 28.87
CA TYR A 346 -4.65 -28.28 27.66
C TYR A 346 -4.78 -26.75 27.81
N SER A 347 -5.06 -26.32 29.04
CA SER A 347 -5.15 -24.91 29.43
C SER A 347 -6.48 -24.23 29.12
N ALA A 348 -7.54 -25.00 28.85
CA ALA A 348 -8.83 -24.45 28.45
C ALA A 348 -9.99 -24.96 29.32
N PRO A 349 -10.01 -24.57 30.60
CA PRO A 349 -11.11 -24.97 31.46
C PRO A 349 -12.40 -24.24 31.13
N PRO A 350 -13.55 -24.83 31.52
CA PRO A 350 -14.84 -24.30 31.14
C PRO A 350 -15.28 -23.19 32.08
N GLY A 351 -16.07 -22.28 31.55
CA GLY A 351 -16.73 -21.25 32.37
C GLY A 351 -17.76 -21.90 33.26
N ASP A 352 -18.64 -22.68 32.63
CA ASP A 352 -19.63 -23.50 33.34
C ASP A 352 -19.49 -24.92 32.82
N PRO A 353 -19.57 -25.93 33.71
CA PRO A 353 -19.33 -27.28 33.21
C PRO A 353 -20.35 -27.69 32.14
N PRO A 354 -19.89 -28.42 31.12
CA PRO A 354 -20.77 -28.85 30.06
C PRO A 354 -21.75 -29.90 30.53
N GLN A 355 -22.93 -29.95 29.90
CA GLN A 355 -23.96 -30.92 30.26
C GLN A 355 -24.38 -31.75 29.03
N PRO A 356 -24.51 -33.08 29.20
CA PRO A 356 -24.96 -33.88 28.08
C PRO A 356 -26.42 -33.61 27.76
N GLU A 357 -26.71 -33.42 26.47
CA GLU A 357 -28.08 -33.24 26.00
C GLU A 357 -28.48 -34.36 25.06
N TYR A 358 -29.74 -34.79 25.18
CA TYR A 358 -30.27 -35.91 24.40
C TYR A 358 -31.39 -35.47 23.45
N ASP A 359 -31.58 -34.16 23.38
CA ASP A 359 -32.47 -33.51 22.43
C ASP A 359 -31.69 -32.40 21.72
N LEU A 360 -31.73 -32.42 20.39
CA LEU A 360 -30.92 -31.48 19.58
C LEU A 360 -31.22 -30.02 19.95
N GLU A 361 -32.51 -29.72 20.14
CA GLU A 361 -32.97 -28.35 20.39
C GLU A 361 -32.43 -27.76 21.71
N LEU A 362 -32.04 -28.64 22.63
CA LEU A 362 -31.54 -28.25 23.96
C LEU A 362 -30.11 -27.72 23.96
N ILE A 363 -29.38 -27.97 22.87
CA ILE A 363 -28.00 -27.53 22.76
C ILE A 363 -27.97 -26.06 22.32
N THR A 364 -27.32 -25.23 23.13
CA THR A 364 -27.08 -23.81 22.77
C THR A 364 -25.62 -23.57 22.45
N SER A 365 -25.38 -23.04 21.25
CA SER A 365 -24.04 -22.63 20.83
C SER A 365 -24.09 -21.38 19.95
N CYS A 366 -23.11 -20.50 20.16
CA CYS A 366 -23.08 -19.18 19.56
C CYS A 366 -24.40 -18.47 19.85
N SER A 367 -24.87 -18.65 21.08
CA SER A 367 -26.12 -18.03 21.58
C SER A 367 -27.36 -18.57 20.89
N SER A 368 -27.16 -19.57 20.02
CA SER A 368 -28.22 -20.07 19.15
C SER A 368 -28.61 -21.51 19.42
N ASN A 369 -29.80 -21.86 18.96
CA ASN A 369 -30.31 -23.22 19.04
C ASN A 369 -31.19 -23.58 17.85
N VAL A 370 -31.28 -24.87 17.58
CA VAL A 370 -32.14 -25.37 16.52
C VAL A 370 -33.58 -25.40 17.00
N SER A 371 -34.47 -24.92 16.14
CA SER A 371 -35.91 -25.03 16.38
C SER A 371 -36.64 -25.48 15.13
N VAL A 372 -37.94 -25.73 15.28
CA VAL A 372 -38.76 -26.27 14.21
C VAL A 372 -39.99 -25.42 13.93
N ALA A 373 -40.24 -25.19 12.65
CA ALA A 373 -41.47 -24.56 12.17
C ALA A 373 -42.02 -25.37 10.99
N HIS A 374 -43.05 -24.85 10.34
CA HIS A 374 -43.67 -25.53 9.20
C HIS A 374 -43.80 -24.63 8.00
N ASP A 375 -43.55 -25.20 6.83
CA ASP A 375 -43.67 -24.48 5.57
C ASP A 375 -45.10 -24.44 5.06
N GLY A 376 -45.28 -23.88 3.86
CA GLY A 376 -46.61 -23.71 3.27
C GLY A 376 -47.40 -25.01 3.18
N ALA A 377 -46.72 -26.07 2.77
CA ALA A 377 -47.34 -27.39 2.60
C ALA A 377 -47.58 -28.13 3.92
N GLY A 378 -46.98 -27.63 4.99
CA GLY A 378 -47.07 -28.27 6.31
C GLY A 378 -45.90 -29.18 6.63
N LYS A 379 -44.86 -29.12 5.80
CA LYS A 379 -43.62 -29.88 6.05
C LYS A 379 -42.79 -29.22 7.14
N ARG A 380 -42.22 -30.07 8.00
CA ARG A 380 -41.33 -29.60 9.06
C ARG A 380 -40.08 -28.96 8.49
N VAL A 381 -39.78 -27.76 8.97
CA VAL A 381 -38.58 -27.04 8.57
C VAL A 381 -37.77 -26.61 9.78
N TYR A 382 -36.50 -27.01 9.80
CA TYR A 382 -35.59 -26.66 10.87
C TYR A 382 -34.87 -25.37 10.57
N TYR A 383 -34.60 -24.59 11.61
CA TYR A 383 -33.90 -23.31 11.46
C TYR A 383 -33.21 -22.90 12.75
N LEU A 384 -32.23 -22.01 12.62
CA LEU A 384 -31.48 -21.52 13.78
C LEU A 384 -32.11 -20.25 14.33
N THR A 385 -32.30 -20.25 15.63
CA THR A 385 -32.86 -19.10 16.35
C THR A 385 -32.02 -18.75 17.58
N ARG A 386 -32.39 -17.66 18.23
CA ARG A 386 -31.75 -17.23 19.48
C ARG A 386 -32.71 -16.37 20.29
N ASP A 387 -32.36 -16.13 21.55
CA ASP A 387 -33.12 -15.18 22.36
C ASP A 387 -32.96 -13.79 21.72
N PRO A 388 -34.09 -13.11 21.44
CA PRO A 388 -34.03 -11.84 20.71
C PRO A 388 -33.66 -10.61 21.53
N THR A 389 -33.46 -10.79 22.83
CA THR A 389 -33.19 -9.66 23.74
C THR A 389 -32.07 -8.75 23.24
N THR A 390 -30.89 -9.34 23.05
CA THR A 390 -29.71 -8.59 22.62
C THR A 390 -29.89 -7.95 21.22
N PRO A 391 -30.38 -8.74 20.24
CA PRO A 391 -30.70 -8.16 18.93
C PRO A 391 -31.64 -6.96 18.98
N LEU A 392 -32.67 -7.05 19.83
CA LEU A 392 -33.66 -5.97 19.94
C LEU A 392 -33.04 -4.74 20.61
N ALA A 393 -32.25 -4.98 21.64
CA ALA A 393 -31.55 -3.90 22.36
C ALA A 393 -30.63 -3.13 21.40
N ARG A 394 -29.89 -3.88 20.60
CA ARG A 394 -28.94 -3.29 19.65
C ARG A 394 -29.65 -2.58 18.51
N ALA A 395 -30.74 -3.19 18.07
CA ALA A 395 -31.60 -2.61 17.02
C ALA A 395 -32.11 -1.23 17.44
N ALA A 396 -32.55 -1.13 18.69
CA ALA A 396 -33.05 0.13 19.26
C ALA A 396 -31.93 1.17 19.29
N TRP A 397 -30.76 0.77 19.75
CA TRP A 397 -29.61 1.67 19.87
C TRP A 397 -29.21 2.20 18.51
N GLU A 398 -29.10 1.29 17.55
CA GLU A 398 -28.63 1.62 16.20
C GLU A 398 -29.68 2.39 15.40
N THR A 399 -30.92 2.37 15.87
CA THR A 399 -31.98 3.25 15.35
C THR A 399 -31.80 4.66 15.89
N ALA A 400 -31.52 4.75 17.19
CA ALA A 400 -31.38 6.03 17.89
C ALA A 400 -30.14 6.80 17.46
N ARG A 401 -29.08 6.04 17.14
CA ARG A 401 -27.79 6.60 16.80
C ARG A 401 -27.19 5.96 15.56
N HIS A 402 -26.67 6.79 14.67
CA HIS A 402 -26.01 6.27 13.49
C HIS A 402 -24.73 5.60 13.88
N THR A 403 -24.60 4.34 13.48
CA THR A 403 -23.35 3.61 13.69
C THR A 403 -22.77 3.26 12.32
N PRO A 404 -21.47 3.53 12.14
CA PRO A 404 -20.84 3.41 10.82
C PRO A 404 -21.01 2.02 10.24
N VAL A 405 -20.74 1.02 11.07
CA VAL A 405 -20.99 -0.37 10.71
C VAL A 405 -21.99 -1.00 11.68
N ASN A 406 -23.18 -1.26 11.16
CA ASN A 406 -24.30 -1.75 11.98
C ASN A 406 -24.23 -3.26 12.19
N SER A 407 -25.00 -3.72 13.16
CA SER A 407 -25.19 -5.15 13.42
C SER A 407 -26.60 -5.65 13.07
N TRP A 408 -27.55 -4.73 12.97
CA TRP A 408 -28.97 -5.10 12.80
C TRP A 408 -29.26 -5.78 11.49
N LEU A 409 -28.61 -5.31 10.45
CA LEU A 409 -28.85 -5.84 9.10
C LEU A 409 -28.37 -7.28 8.98
N GLY A 410 -27.16 -7.52 9.50
CA GLY A 410 -26.58 -8.86 9.50
C GLY A 410 -27.45 -9.81 10.30
N ASN A 411 -27.92 -9.30 11.43
CA ASN A 411 -28.78 -10.07 12.30
C ASN A 411 -30.05 -10.50 11.59
N ILE A 412 -30.66 -9.59 10.85
CA ILE A 412 -31.88 -9.88 10.10
C ILE A 412 -31.64 -10.95 9.04
N ILE A 413 -30.54 -10.80 8.31
CA ILE A 413 -30.18 -11.75 7.24
C ILE A 413 -29.99 -13.15 7.80
N MET A 414 -29.24 -13.24 8.89
CA MET A 414 -28.86 -14.54 9.48
C MET A 414 -30.01 -15.23 10.22
N PHE A 415 -30.89 -14.43 10.83
CA PHE A 415 -32.05 -14.99 11.57
C PHE A 415 -33.38 -14.76 10.83
N ALA A 416 -33.29 -14.61 9.52
CA ALA A 416 -34.44 -14.32 8.64
C ALA A 416 -35.67 -15.24 8.84
N PRO A 417 -35.47 -16.55 9.02
CA PRO A 417 -36.62 -17.45 9.22
C PRO A 417 -37.34 -17.30 10.55
N THR A 418 -36.70 -16.64 11.51
CA THR A 418 -37.25 -16.54 12.86
C THR A 418 -38.49 -15.65 12.93
N LEU A 419 -39.35 -15.98 13.88
CA LEU A 419 -40.59 -15.26 14.15
C LEU A 419 -40.33 -13.79 14.46
N TRP A 420 -39.35 -13.56 15.33
CA TRP A 420 -39.01 -12.21 15.80
C TRP A 420 -38.34 -11.36 14.74
N ALA A 421 -37.43 -11.96 13.99
CA ALA A 421 -36.75 -11.24 12.90
C ALA A 421 -37.73 -10.76 11.84
N ARG A 422 -38.67 -11.63 11.49
CA ARG A 422 -39.63 -11.35 10.43
C ARG A 422 -40.68 -10.32 10.85
N MET A 423 -41.29 -10.57 12.00
CA MET A 423 -42.41 -9.75 12.46
C MET A 423 -41.98 -8.42 13.07
N ILE A 424 -40.84 -8.41 13.74
CA ILE A 424 -40.40 -7.22 14.49
C ILE A 424 -39.31 -6.43 13.75
N LEU A 425 -38.15 -7.05 13.58
CA LEU A 425 -36.97 -6.36 13.03
C LEU A 425 -37.17 -5.90 11.59
N MET A 426 -37.69 -6.77 10.75
CA MET A 426 -37.93 -6.42 9.34
C MET A 426 -38.92 -5.28 9.23
N THR A 427 -40.03 -5.39 9.97
CA THR A 427 -41.08 -4.37 9.97
C THR A 427 -40.52 -3.03 10.43
N HIS A 428 -39.81 -3.08 11.55
CA HIS A 428 -39.25 -1.88 12.16
C HIS A 428 -38.27 -1.19 11.25
N PHE A 429 -37.31 -1.94 10.74
CA PHE A 429 -36.22 -1.32 9.97
C PHE A 429 -36.65 -0.80 8.60
N PHE A 430 -37.57 -1.51 7.96
CA PHE A 430 -38.14 -0.99 6.70
C PHE A 430 -38.98 0.27 6.94
N SER A 431 -39.68 0.32 8.08
CA SER A 431 -40.43 1.52 8.47
C SER A 431 -39.49 2.71 8.70
N VAL A 432 -38.36 2.44 9.35
CA VAL A 432 -37.34 3.46 9.64
C VAL A 432 -36.67 3.97 8.37
N LEU A 433 -36.31 3.04 7.48
CA LEU A 433 -35.65 3.37 6.22
C LEU A 433 -36.57 4.22 5.33
N ILE A 434 -37.84 3.86 5.31
CA ILE A 434 -38.86 4.63 4.57
C ILE A 434 -39.00 6.04 5.14
N ALA A 435 -39.15 6.10 6.46
CA ALA A 435 -39.32 7.37 7.18
C ALA A 435 -38.14 8.32 6.97
N ARG A 436 -36.95 7.76 6.88
CA ARG A 436 -35.72 8.55 6.76
C ARG A 436 -35.25 8.71 5.31
N ASP A 437 -36.03 8.15 4.39
CA ASP A 437 -35.73 8.20 2.96
C ASP A 437 -34.35 7.61 2.65
N GLN A 438 -34.08 6.46 3.26
CA GLN A 438 -32.79 5.78 3.16
C GLN A 438 -32.89 4.39 2.53
N LEU A 439 -34.02 4.11 1.89
CA LEU A 439 -34.31 2.77 1.38
C LEU A 439 -33.31 2.30 0.33
N GLU A 440 -32.79 3.23 -0.47
CA GLU A 440 -31.89 2.90 -1.59
C GLU A 440 -30.41 2.98 -1.25
N GLN A 441 -30.11 3.43 -0.04
CA GLN A 441 -28.72 3.64 0.39
C GLN A 441 -28.05 2.35 0.87
N ALA A 442 -26.88 2.07 0.33
CA ALA A 442 -26.06 0.94 0.78
C ALA A 442 -25.55 1.21 2.19
N LEU A 443 -25.48 0.15 2.99
CA LEU A 443 -25.02 0.23 4.37
C LEU A 443 -23.82 -0.68 4.64
N ASP A 444 -22.98 -0.28 5.59
CA ASP A 444 -21.86 -1.10 6.03
C ASP A 444 -22.32 -1.97 7.20
N CYS A 445 -22.26 -3.28 6.98
CA CYS A 445 -22.77 -4.27 7.94
C CYS A 445 -21.71 -5.28 8.33
N GLU A 446 -21.82 -5.77 9.56
CA GLU A 446 -20.93 -6.79 10.10
C GLU A 446 -21.56 -8.18 10.00
N ILE A 447 -20.87 -9.08 9.31
CA ILE A 447 -21.32 -10.46 9.15
C ILE A 447 -20.16 -11.43 9.40
N TYR A 448 -20.31 -12.27 10.40
CA TYR A 448 -19.29 -13.27 10.78
C TYR A 448 -17.98 -12.54 11.08
N GLY A 449 -18.13 -11.31 11.56
CA GLY A 449 -17.02 -10.44 11.94
C GLY A 449 -16.48 -9.52 10.84
N ALA A 450 -16.78 -9.87 9.59
CA ALA A 450 -16.30 -9.09 8.44
C ALA A 450 -17.25 -7.96 8.09
N CYS A 451 -16.70 -6.86 7.57
CA CYS A 451 -17.51 -5.76 7.07
C CYS A 451 -17.97 -5.97 5.62
N TYR A 452 -19.27 -5.83 5.43
CA TYR A 452 -19.89 -5.95 4.11
C TYR A 452 -20.67 -4.70 3.75
N SER A 453 -20.67 -4.39 2.46
CA SER A 453 -21.55 -3.34 1.93
C SER A 453 -22.79 -4.03 1.36
N ILE A 454 -23.93 -3.74 1.99
CA ILE A 454 -25.19 -4.38 1.62
C ILE A 454 -26.29 -3.34 1.37
N GLU A 455 -27.03 -3.54 0.29
CA GLU A 455 -28.22 -2.75 0.01
C GLU A 455 -29.44 -3.45 0.63
N PRO A 456 -30.19 -2.75 1.52
CA PRO A 456 -31.39 -3.31 2.13
C PRO A 456 -32.37 -3.90 1.13
N LEU A 457 -32.45 -3.28 -0.04
CA LEU A 457 -33.37 -3.74 -1.09
C LEU A 457 -32.99 -5.11 -1.67
N ASP A 458 -31.77 -5.57 -1.38
CA ASP A 458 -31.30 -6.90 -1.82
C ASP A 458 -31.57 -8.00 -0.79
N LEU A 459 -32.33 -7.67 0.26
CA LEU A 459 -32.64 -8.63 1.33
C LEU A 459 -33.31 -9.93 0.84
N PRO A 460 -34.39 -9.83 0.04
CA PRO A 460 -35.09 -11.04 -0.39
C PRO A 460 -34.24 -12.09 -1.12
N PRO A 461 -33.46 -11.67 -2.14
CA PRO A 461 -32.59 -12.64 -2.82
C PRO A 461 -31.53 -13.23 -1.92
N ILE A 462 -30.99 -12.37 -1.05
CA ILE A 462 -29.98 -12.79 -0.08
C ILE A 462 -30.54 -13.87 0.84
N ILE A 463 -31.76 -13.61 1.34
CA ILE A 463 -32.43 -14.54 2.26
C ILE A 463 -32.73 -15.87 1.57
N GLN A 464 -33.16 -15.80 0.31
CA GLN A 464 -33.47 -17.00 -0.46
C GLN A 464 -32.26 -17.92 -0.56
N ARG A 465 -31.11 -17.31 -0.86
CA ARG A 465 -29.86 -18.05 -1.03
C ARG A 465 -29.37 -18.68 0.26
N LEU A 466 -29.47 -17.92 1.34
CA LEU A 466 -28.98 -18.36 2.66
C LEU A 466 -29.92 -19.33 3.38
N HIS A 467 -31.21 -19.22 3.10
CA HIS A 467 -32.24 -19.96 3.87
C HIS A 467 -33.20 -20.79 3.09
N GLY A 468 -33.36 -20.48 1.81
CA GLY A 468 -34.38 -21.11 0.96
C GLY A 468 -35.67 -20.31 0.93
N LEU A 469 -36.51 -20.62 -0.05
CA LEU A 469 -37.79 -19.94 -0.23
C LEU A 469 -38.71 -20.10 0.97
N SER A 470 -38.52 -21.19 1.70
CA SER A 470 -39.37 -21.52 2.86
C SER A 470 -39.33 -20.43 3.94
N ALA A 471 -38.23 -19.70 3.98
CA ALA A 471 -38.03 -18.63 4.97
C ALA A 471 -39.12 -17.55 4.92
N PHE A 472 -39.78 -17.45 3.78
CA PHE A 472 -40.85 -16.46 3.59
C PHE A 472 -42.25 -17.00 3.88
N SER A 473 -42.33 -18.28 4.18
CA SER A 473 -43.64 -18.96 4.36
C SER A 473 -43.77 -19.73 5.67
N LEU A 474 -42.79 -19.59 6.56
CA LEU A 474 -42.81 -20.36 7.81
C LEU A 474 -43.94 -19.93 8.73
N HIS A 475 -44.58 -20.93 9.31
CA HIS A 475 -45.66 -20.73 10.27
C HIS A 475 -45.66 -21.85 11.27
N SER A 476 -46.59 -21.79 12.22
CA SER A 476 -46.72 -22.80 13.27
C SER A 476 -45.38 -23.06 13.95
N TYR A 477 -44.84 -21.99 14.52
CA TYR A 477 -43.61 -22.05 15.32
C TYR A 477 -43.86 -22.80 16.63
N SER A 478 -42.78 -23.26 17.26
CA SER A 478 -42.90 -24.08 18.47
C SER A 478 -43.35 -23.24 19.67
N PRO A 479 -44.07 -23.86 20.63
CA PRO A 479 -44.55 -23.15 21.82
C PRO A 479 -43.43 -22.52 22.63
N GLY A 480 -42.31 -23.23 22.72
CA GLY A 480 -41.13 -22.75 23.45
C GLY A 480 -40.56 -21.47 22.86
N GLU A 481 -40.53 -21.41 21.54
CA GLU A 481 -39.98 -20.25 20.80
C GLU A 481 -40.91 -19.05 20.93
N ILE A 482 -42.21 -19.31 20.75
CA ILE A 482 -43.26 -18.29 20.90
C ILE A 482 -43.22 -17.68 22.30
N ASN A 483 -43.12 -18.54 23.30
CA ASN A 483 -43.06 -18.11 24.71
C ASN A 483 -41.83 -17.28 25.03
N ARG A 484 -40.69 -17.66 24.45
CA ARG A 484 -39.43 -16.93 24.66
C ARG A 484 -39.51 -15.53 24.07
N VAL A 485 -40.06 -15.44 22.86
CA VAL A 485 -40.27 -14.14 22.21
C VAL A 485 -41.22 -13.28 23.06
N ALA A 486 -42.34 -13.88 23.47
CA ALA A 486 -43.34 -13.20 24.32
C ALA A 486 -42.73 -12.61 25.59
N ALA A 487 -41.91 -13.41 26.26
CA ALA A 487 -41.23 -13.01 27.50
C ALA A 487 -40.32 -11.80 27.27
N CYS A 488 -39.61 -11.83 26.13
CA CYS A 488 -38.70 -10.76 25.75
C CYS A 488 -39.43 -9.44 25.53
N LEU A 489 -40.56 -9.52 24.82
CA LEU A 489 -41.36 -8.34 24.50
C LEU A 489 -41.87 -7.66 25.78
N ARG A 490 -42.35 -8.47 26.72
CA ARG A 490 -42.82 -7.96 28.02
C ARG A 490 -41.69 -7.30 28.78
N LYS A 491 -40.53 -7.93 28.76
CA LYS A 491 -39.34 -7.45 29.49
C LYS A 491 -38.85 -6.10 28.96
N LEU A 492 -38.79 -5.99 27.64
CA LEU A 492 -38.20 -4.81 26.97
C LEU A 492 -39.18 -3.68 26.67
N GLY A 493 -40.48 -3.95 26.85
CA GLY A 493 -41.51 -2.97 26.49
C GLY A 493 -41.60 -2.78 24.98
N VAL A 494 -41.63 -3.91 24.29
CA VAL A 494 -41.79 -3.96 22.83
C VAL A 494 -43.26 -4.27 22.48
N PRO A 495 -43.83 -3.55 21.49
CA PRO A 495 -45.23 -3.83 21.12
C PRO A 495 -45.48 -5.30 20.78
N PRO A 496 -46.69 -5.79 21.06
CA PRO A 496 -47.00 -7.20 20.79
C PRO A 496 -47.04 -7.49 19.29
N LEU A 497 -46.92 -8.77 18.95
CA LEU A 497 -46.76 -9.21 17.56
C LEU A 497 -47.90 -8.77 16.66
N ARG A 498 -49.11 -8.73 17.21
CA ARG A 498 -50.30 -8.31 16.46
C ARG A 498 -50.22 -6.84 16.04
N ALA A 499 -49.57 -6.03 16.87
CA ALA A 499 -49.36 -4.60 16.57
C ALA A 499 -48.36 -4.45 15.42
N TRP A 500 -47.33 -5.29 15.44
CA TRP A 500 -46.31 -5.31 14.39
C TRP A 500 -46.89 -5.76 13.08
N ARG A 501 -47.81 -6.71 13.15
CA ARG A 501 -48.53 -7.19 11.96
C ARG A 501 -49.24 -6.05 11.25
N HIS A 502 -49.97 -5.25 12.04
CA HIS A 502 -50.67 -4.07 11.53
C HIS A 502 -49.73 -3.12 10.85
N ARG A 503 -48.62 -2.83 11.51
CA ARG A 503 -47.59 -1.93 10.96
C ARG A 503 -47.01 -2.50 9.67
N ALA A 504 -46.75 -3.80 9.69
CA ALA A 504 -46.19 -4.53 8.54
C ALA A 504 -47.07 -4.41 7.29
N ARG A 505 -48.38 -4.39 7.49
CA ARG A 505 -49.35 -4.27 6.39
C ARG A 505 -49.21 -2.92 5.71
N SER A 506 -48.99 -1.89 6.52
CA SER A 506 -48.75 -0.53 6.03
C SER A 506 -47.42 -0.44 5.27
N VAL A 507 -46.37 -0.96 5.90
CA VAL A 507 -45.03 -0.98 5.31
C VAL A 507 -45.03 -1.74 3.98
N ARG A 508 -45.70 -2.89 3.99
CA ARG A 508 -45.86 -3.72 2.79
C ARG A 508 -46.46 -2.92 1.63
N ALA A 509 -47.54 -2.23 1.93
CA ALA A 509 -48.26 -1.41 0.96
C ALA A 509 -47.36 -0.36 0.34
N ARG A 510 -46.61 0.35 1.19
CA ARG A 510 -45.69 1.41 0.75
C ARG A 510 -44.61 0.86 -0.16
N LEU A 511 -44.09 -0.30 0.22
CA LEU A 511 -43.04 -0.98 -0.54
C LEU A 511 -43.54 -1.44 -1.92
N LEU A 512 -44.74 -1.99 -1.94
CA LEU A 512 -45.36 -2.48 -3.18
C LEU A 512 -45.59 -1.36 -4.18
N SER A 513 -45.91 -0.17 -3.68
CA SER A 513 -46.22 1.00 -4.52
C SER A 513 -44.99 1.55 -5.23
N ARG A 514 -43.83 1.42 -4.58
CA ARG A 514 -42.56 1.94 -5.13
C ARG A 514 -42.09 1.12 -6.34
N GLY A 515 -42.53 -0.13 -6.40
CA GLY A 515 -42.19 -1.03 -7.50
C GLY A 515 -40.78 -1.60 -7.41
N GLY A 516 -40.41 -2.36 -8.44
CA GLY A 516 -39.05 -2.89 -8.57
C GLY A 516 -38.60 -3.77 -7.41
N ARG A 517 -37.42 -3.48 -6.90
CA ARG A 517 -36.83 -4.26 -5.80
C ARG A 517 -37.60 -4.05 -4.51
N ALA A 518 -38.09 -2.82 -4.31
CA ALA A 518 -38.90 -2.48 -3.15
C ALA A 518 -40.18 -3.32 -3.10
N ALA A 519 -40.78 -3.53 -4.28
CA ALA A 519 -42.01 -4.31 -4.42
C ALA A 519 -41.77 -5.76 -4.06
N ILE A 520 -40.58 -6.25 -4.40
CA ILE A 520 -40.18 -7.62 -4.09
C ILE A 520 -39.97 -7.77 -2.58
N CYS A 521 -39.44 -6.72 -1.95
CA CYS A 521 -39.31 -6.69 -0.48
C CYS A 521 -40.68 -6.79 0.18
N GLY A 522 -41.63 -5.99 -0.32
CA GLY A 522 -42.98 -5.98 0.21
C GLY A 522 -43.67 -7.33 0.02
N LYS A 523 -43.49 -7.88 -1.17
CA LYS A 523 -44.15 -9.13 -1.58
C LYS A 523 -43.65 -10.33 -0.79
N TYR A 524 -42.34 -10.47 -0.72
CA TYR A 524 -41.72 -11.68 -0.14
C TYR A 524 -41.52 -11.58 1.37
N LEU A 525 -41.00 -10.46 1.84
CA LEU A 525 -40.68 -10.29 3.27
C LEU A 525 -41.92 -10.17 4.16
N PHE A 526 -43.01 -9.69 3.59
CA PHE A 526 -44.22 -9.38 4.39
C PHE A 526 -45.48 -10.15 3.97
N ASN A 527 -45.28 -11.29 3.32
CA ASN A 527 -46.40 -12.15 2.90
C ASN A 527 -47.13 -12.74 4.11
N TRP A 528 -46.40 -12.88 5.21
CA TRP A 528 -46.95 -13.35 6.49
C TRP A 528 -48.00 -12.43 7.05
N ALA A 529 -47.90 -11.14 6.72
CA ALA A 529 -48.77 -10.11 7.29
C ALA A 529 -50.15 -10.02 6.63
N VAL A 530 -50.32 -10.67 5.48
CA VAL A 530 -51.59 -10.63 4.74
C VAL A 530 -52.30 -11.97 4.73
N ARG A 531 -53.63 -11.91 4.79
CA ARG A 531 -54.48 -13.11 4.66
C ARG A 531 -54.49 -13.62 3.22
N THR A 532 -54.69 -12.69 2.28
CA THR A 532 -54.67 -13.00 0.85
C THR A 532 -53.23 -13.08 0.36
N LYS A 533 -52.69 -14.29 0.36
CA LYS A 533 -51.26 -14.49 0.13
C LYS A 533 -50.90 -14.52 -1.35
N LEU A 534 -49.76 -13.90 -1.65
CA LEU A 534 -49.21 -13.91 -3.01
C LEU A 534 -48.35 -15.15 -3.22
N LYS A 535 -48.29 -15.59 -4.47
CA LYS A 535 -47.52 -16.79 -4.85
C LYS A 535 -46.03 -16.49 -4.87
N LEU A 536 -45.32 -17.02 -3.87
CA LEU A 536 -43.88 -16.78 -3.74
C LEU A 536 -43.06 -17.77 -4.58
N THR A 537 -42.63 -17.28 -5.74
CA THR A 537 -41.80 -18.06 -6.68
C THR A 537 -40.31 -17.70 -6.51
N PRO A 538 -39.41 -18.56 -7.00
CA PRO A 538 -37.99 -18.23 -6.89
C PRO A 538 -37.63 -16.88 -7.50
N ILE A 539 -36.83 -16.11 -6.76
CA ILE A 539 -36.43 -14.77 -7.18
C ILE A 539 -35.30 -14.85 -8.18
N ALA A 540 -35.49 -14.18 -9.32
CA ALA A 540 -34.53 -14.21 -10.43
C ALA A 540 -33.18 -13.63 -10.02
N ALA A 541 -33.22 -12.56 -9.23
CA ALA A 541 -32.02 -11.86 -8.77
C ALA A 541 -31.12 -12.78 -7.93
N ALA A 542 -31.75 -13.70 -7.20
CA ALA A 542 -31.05 -14.58 -6.25
C ALA A 542 -29.97 -15.42 -6.92
N GLY A 543 -30.30 -15.94 -8.10
CA GLY A 543 -29.38 -16.78 -8.86
C GLY A 543 -28.13 -16.02 -9.25
N GLN A 544 -28.31 -14.74 -9.58
CA GLN A 544 -27.25 -13.89 -10.11
C GLN A 544 -26.25 -13.45 -9.04
N LEU A 545 -26.74 -13.27 -7.81
CA LEU A 545 -25.92 -12.70 -6.74
C LEU A 545 -24.67 -13.53 -6.45
N ALA A 546 -23.54 -12.85 -6.41
CA ALA A 546 -22.24 -13.47 -6.12
C ALA A 546 -21.98 -13.47 -4.62
N LEU A 547 -22.27 -14.60 -3.97
CA LEU A 547 -22.20 -14.70 -2.51
C LEU A 547 -21.21 -15.75 -1.97
N SER A 548 -20.36 -16.28 -2.84
CA SER A 548 -19.48 -17.39 -2.45
C SER A 548 -18.51 -17.02 -1.33
N GLY A 549 -17.93 -15.84 -1.45
CA GLY A 549 -16.93 -15.36 -0.49
C GLY A 549 -17.51 -15.25 0.91
N TRP A 550 -18.83 -15.22 0.99
CA TRP A 550 -19.53 -14.97 2.25
C TRP A 550 -19.17 -15.96 3.31
N PHE A 551 -19.20 -17.23 2.92
CA PHE A 551 -19.01 -18.33 3.86
C PHE A 551 -17.77 -19.13 3.53
N THR A 552 -16.74 -18.42 3.04
CA THR A 552 -15.42 -18.99 2.81
C THR A 552 -14.57 -19.09 4.10
N ALA A 553 -14.61 -18.06 4.93
CA ALA A 553 -13.78 -18.04 6.16
C ALA A 553 -14.15 -16.99 7.21
N GLY A 554 -13.66 -17.21 8.43
CA GLY A 554 -13.96 -16.35 9.57
C GLY A 554 -12.94 -15.26 9.76
N TYR A 555 -13.41 -14.02 9.88
CA TYR A 555 -12.53 -12.85 9.95
C TYR A 555 -12.75 -11.97 11.19
N SER A 556 -13.33 -12.54 12.25
CA SER A 556 -13.70 -11.77 13.45
C SER A 556 -12.53 -11.09 14.15
N GLY A 557 -12.61 -9.76 14.25
CA GLY A 557 -11.51 -8.91 14.75
C GLY A 557 -10.40 -8.76 13.72
N GLY A 558 -10.66 -9.27 12.52
CA GLY A 558 -9.66 -9.38 11.47
C GLY A 558 -9.56 -8.18 10.54
N ASP A 559 -10.43 -7.21 10.75
CA ASP A 559 -10.33 -5.95 10.01
C ASP A 559 -10.47 -6.22 8.50
N ILE A 560 -11.49 -6.99 8.14
CA ILE A 560 -11.73 -7.41 6.74
C ILE A 560 -12.96 -6.75 6.12
N TYR A 561 -12.80 -6.34 4.86
CA TYR A 561 -13.88 -5.71 4.08
C TYR A 561 -14.10 -6.42 2.75
N HIS A 562 -15.38 -6.68 2.45
CA HIS A 562 -15.78 -7.35 1.20
C HIS A 562 -16.82 -6.56 0.47
N SER B 1 -2.57 20.06 -32.55
CA SER B 1 -1.73 21.12 -33.15
C SER B 1 -0.29 20.67 -33.32
N MET B 2 0.46 21.44 -34.10
CA MET B 2 1.88 21.17 -34.33
C MET B 2 2.67 21.54 -33.08
N SER B 3 3.55 20.63 -32.66
CA SER B 3 4.41 20.83 -31.48
C SER B 3 5.25 22.10 -31.63
N TYR B 4 5.72 22.31 -32.85
CA TYR B 4 6.45 23.52 -33.22
C TYR B 4 6.06 24.00 -34.61
N SER B 5 6.18 25.31 -34.82
CA SER B 5 6.14 25.92 -36.15
C SER B 5 7.43 26.71 -36.35
N TRP B 6 8.08 26.52 -37.49
CA TRP B 6 9.40 27.12 -37.74
C TRP B 6 9.37 28.15 -38.82
N THR B 7 10.16 29.20 -38.63
CA THR B 7 10.29 30.29 -39.61
C THR B 7 11.34 29.99 -40.68
N GLY B 8 12.26 29.09 -40.35
CA GLY B 8 13.39 28.77 -41.23
C GLY B 8 14.72 29.32 -40.73
N ALA B 9 14.66 30.23 -39.75
CA ALA B 9 15.87 30.73 -39.10
C ALA B 9 16.57 29.61 -38.33
N LEU B 10 17.89 29.69 -38.26
CA LEU B 10 18.68 28.64 -37.61
C LEU B 10 18.78 28.82 -36.11
N VAL B 11 18.94 27.69 -35.41
CA VAL B 11 19.38 27.72 -34.03
C VAL B 11 20.86 28.04 -34.07
N THR B 12 21.25 29.11 -33.40
CA THR B 12 22.59 29.68 -33.54
C THR B 12 23.40 29.58 -32.24
N PRO B 13 24.73 29.43 -32.36
CA PRO B 13 25.59 29.32 -31.20
C PRO B 13 25.82 30.67 -30.53
N CYS B 14 26.03 30.64 -29.22
CA CYS B 14 26.40 31.84 -28.45
C CYS B 14 27.90 32.02 -28.37
N ALA B 15 28.64 30.94 -28.59
CA ALA B 15 30.11 30.99 -28.58
C ALA B 15 30.72 29.84 -29.41
N ALA B 16 32.04 29.76 -29.40
CA ALA B 16 32.76 28.70 -30.09
C ALA B 16 32.29 27.32 -29.63
N GLU B 17 32.03 26.44 -30.60
CA GLU B 17 31.63 25.06 -30.31
C GLU B 17 32.69 24.07 -30.80
N GLU B 18 33.23 23.30 -29.87
CA GLU B 18 34.22 22.26 -30.19
C GLU B 18 33.50 20.98 -30.57
N GLN B 19 33.77 20.47 -31.76
CA GLN B 19 33.13 19.26 -32.27
C GLN B 19 33.77 17.96 -31.77
N LYS B 20 35.09 17.96 -31.71
CA LYS B 20 35.87 16.75 -31.41
C LYS B 20 36.68 16.86 -30.13
N LEU B 21 36.91 15.70 -29.51
CA LEU B 21 37.69 15.61 -28.28
C LEU B 21 39.12 16.14 -28.48
N PRO B 22 39.51 17.21 -27.76
CA PRO B 22 40.87 17.72 -27.92
C PRO B 22 41.89 16.75 -27.37
N ILE B 23 43.07 16.76 -27.97
CA ILE B 23 44.16 15.92 -27.52
C ILE B 23 44.86 16.57 -26.31
N ASN B 24 44.88 15.82 -25.21
CA ASN B 24 45.53 16.24 -23.97
C ASN B 24 46.10 15.00 -23.28
N ALA B 25 47.32 15.13 -22.74
CA ALA B 25 48.06 13.99 -22.20
C ALA B 25 47.27 13.27 -21.11
N LEU B 26 46.68 14.04 -20.22
CA LEU B 26 45.93 13.47 -19.09
C LEU B 26 44.64 12.79 -19.56
N SER B 27 43.94 13.41 -20.50
CA SER B 27 42.71 12.83 -21.05
C SER B 27 43.03 11.58 -21.87
N ASN B 28 44.11 11.67 -22.64
CA ASN B 28 44.60 10.55 -23.47
C ASN B 28 44.95 9.31 -22.64
N SER B 29 45.39 9.54 -21.39
CA SER B 29 45.72 8.44 -20.49
C SER B 29 44.50 7.63 -20.09
N LEU B 30 43.32 8.25 -20.17
CA LEU B 30 42.04 7.58 -19.91
C LEU B 30 41.54 6.85 -21.15
N LEU B 31 41.51 7.56 -22.27
CA LEU B 31 41.01 7.00 -23.55
C LEU B 31 41.73 7.60 -24.76
N ARG B 32 42.15 6.71 -25.65
CA ARG B 32 43.05 7.07 -26.75
C ARG B 32 42.38 7.20 -28.11
N HIS B 33 41.20 6.60 -28.26
CA HIS B 33 40.46 6.69 -29.53
C HIS B 33 39.63 7.95 -29.56
N HIS B 34 40.33 9.08 -29.50
CA HIS B 34 39.69 10.40 -29.40
C HIS B 34 38.79 10.74 -30.55
N ASN B 35 39.06 10.15 -31.72
CA ASN B 35 38.27 10.40 -32.94
C ASN B 35 36.85 9.87 -32.85
N LEU B 36 36.61 8.95 -31.91
CA LEU B 36 35.27 8.40 -31.69
C LEU B 36 34.40 9.31 -30.82
N VAL B 37 35.05 10.20 -30.07
CA VAL B 37 34.36 11.07 -29.12
C VAL B 37 34.05 12.42 -29.72
N TYR B 38 32.77 12.79 -29.64
CA TYR B 38 32.28 14.05 -30.20
C TYR B 38 31.33 14.78 -29.26
N SER B 39 31.19 16.08 -29.50
CA SER B 39 30.18 16.88 -28.82
C SER B 39 29.12 17.30 -29.84
N THR B 40 27.86 17.21 -29.43
CA THR B 40 26.77 17.75 -30.24
C THR B 40 26.91 19.28 -30.32
N THR B 41 26.52 19.83 -31.46
CA THR B 41 26.57 21.29 -31.67
C THR B 41 25.36 21.81 -32.45
N SER B 42 25.29 23.13 -32.57
CA SER B 42 24.20 23.79 -33.31
C SER B 42 24.12 23.35 -34.77
N ARG B 43 25.21 22.79 -35.28
CA ARG B 43 25.27 22.31 -36.66
C ARG B 43 24.24 21.23 -36.98
N SER B 44 23.85 20.47 -35.96
CA SER B 44 22.88 19.38 -36.12
C SER B 44 21.47 19.75 -35.67
N ALA B 45 21.27 21.03 -35.31
CA ALA B 45 20.00 21.52 -34.78
C ALA B 45 18.83 21.23 -35.72
N CYS B 46 19.06 21.42 -37.03
CA CYS B 46 18.03 21.21 -38.04
CA CYS B 46 18.04 21.19 -38.07
C CYS B 46 17.49 19.78 -38.03
N GLN B 47 18.39 18.82 -37.80
CA GLN B 47 18.02 17.40 -37.72
C GLN B 47 17.07 17.15 -36.55
N ARG B 48 17.40 17.76 -35.41
CA ARG B 48 16.58 17.65 -34.20
C ARG B 48 15.21 18.29 -34.41
N GLN B 49 15.23 19.50 -34.98
CA GLN B 49 14.00 20.27 -35.26
C GLN B 49 13.01 19.43 -36.06
N LYS B 50 13.52 18.71 -37.05
CA LYS B 50 12.68 17.83 -37.89
C LYS B 50 12.02 16.73 -37.07
N LYS B 51 12.81 16.08 -36.21
CA LYS B 51 12.31 14.94 -35.42
C LYS B 51 11.25 15.36 -34.40
N VAL B 52 11.46 16.51 -33.77
CA VAL B 52 10.58 16.98 -32.68
C VAL B 52 9.31 17.68 -33.16
N THR B 53 9.19 17.84 -34.47
CA THR B 53 8.06 18.57 -35.07
C THR B 53 7.01 17.64 -35.66
N PHE B 54 5.84 17.62 -35.02
CA PHE B 54 4.71 16.81 -35.49
C PHE B 54 3.38 17.21 -34.87
N ASP B 55 2.30 16.77 -35.53
CA ASP B 55 0.95 17.04 -35.06
C ASP B 55 0.60 16.08 -33.93
N ARG B 56 0.02 16.63 -32.87
CA ARG B 56 -0.44 15.81 -31.74
C ARG B 56 -1.93 15.54 -31.86
N LEU B 57 -2.28 14.27 -31.81
CA LEU B 57 -3.67 13.84 -31.73
C LEU B 57 -3.85 13.19 -30.37
N GLN B 58 -4.70 13.78 -29.54
CA GLN B 58 -4.90 13.30 -28.18
C GLN B 58 -6.36 12.96 -27.94
N VAL B 59 -6.58 11.71 -27.52
CA VAL B 59 -7.91 11.27 -27.14
C VAL B 59 -7.88 10.69 -25.73
N LEU B 60 -8.58 11.35 -24.82
CA LEU B 60 -8.63 10.93 -23.42
C LEU B 60 -9.83 10.02 -23.19
N ASP B 61 -9.73 9.18 -22.16
CA ASP B 61 -10.79 8.22 -21.83
C ASP B 61 -11.09 8.18 -20.33
N SER B 62 -11.94 7.23 -19.93
CA SER B 62 -12.40 7.16 -18.54
C SER B 62 -11.26 6.83 -17.57
N HIS B 63 -10.36 5.95 -17.99
CA HIS B 63 -9.21 5.57 -17.15
C HIS B 63 -8.33 6.75 -16.87
N TYR B 64 -8.11 7.56 -17.90
CA TYR B 64 -7.32 8.78 -17.76
C TYR B 64 -7.97 9.73 -16.76
N GLN B 65 -9.27 9.95 -16.92
CA GLN B 65 -10.01 10.89 -16.05
C GLN B 65 -10.05 10.38 -14.60
N ASP B 66 -10.14 9.06 -14.45
CA ASP B 66 -10.15 8.43 -13.13
C ASP B 66 -8.85 8.70 -12.39
N VAL B 67 -7.73 8.45 -13.07
CA VAL B 67 -6.40 8.67 -12.50
C VAL B 67 -6.17 10.14 -12.17
N LEU B 68 -6.60 11.01 -13.08
CA LEU B 68 -6.45 12.47 -12.89
C LEU B 68 -7.19 12.94 -11.63
N LYS B 69 -8.38 12.40 -11.42
CA LYS B 69 -9.16 12.67 -10.20
C LYS B 69 -8.38 12.25 -8.94
N GLU B 70 -7.76 11.08 -9.00
CA GLU B 70 -6.91 10.58 -7.91
C GLU B 70 -5.77 11.55 -7.61
N VAL B 71 -5.12 11.99 -8.68
CA VAL B 71 -3.97 12.89 -8.59
C VAL B 71 -4.37 14.20 -7.93
N LYS B 72 -5.49 14.75 -8.37
CA LYS B 72 -5.99 16.03 -7.85
C LYS B 72 -6.35 15.92 -6.36
N ALA B 73 -6.96 14.79 -5.99
CA ALA B 73 -7.27 14.50 -4.59
C ALA B 73 -6.01 14.46 -3.74
N ALA B 74 -4.97 13.81 -4.26
CA ALA B 74 -3.69 13.70 -3.56
C ALA B 74 -3.03 15.06 -3.42
N ALA B 75 -3.10 15.85 -4.50
CA ALA B 75 -2.49 17.18 -4.53
C ALA B 75 -3.14 18.12 -3.52
N SER B 76 -4.41 17.88 -3.23
CA SER B 76 -5.20 18.70 -2.31
C SER B 76 -4.72 18.65 -0.86
N LYS B 77 -3.89 17.66 -0.55
CA LYS B 77 -3.33 17.52 0.80
C LYS B 77 -2.03 18.32 0.97
N VAL B 78 -1.50 18.84 -0.13
CA VAL B 78 -0.24 19.58 -0.12
C VAL B 78 -0.45 21.06 0.21
N LYS B 79 0.43 21.56 1.08
CA LYS B 79 0.53 22.99 1.36
C LYS B 79 1.88 23.50 0.89
N ALA B 80 1.85 24.48 -0.01
CA ALA B 80 3.06 25.07 -0.61
C ALA B 80 3.13 26.57 -0.39
N ASN B 81 4.35 27.06 -0.19
CA ASN B 81 4.59 28.48 0.14
C ASN B 81 5.24 29.26 -0.98
N LEU B 82 4.99 30.57 -0.97
CA LEU B 82 5.63 31.51 -1.86
C LEU B 82 7.04 31.83 -1.35
N LEU B 83 8.04 31.65 -2.20
CA LEU B 83 9.42 32.00 -1.82
C LEU B 83 9.63 33.49 -2.02
N SER B 84 10.39 34.09 -1.12
CA SER B 84 10.80 35.48 -1.25
C SER B 84 11.77 35.67 -2.42
N VAL B 85 11.97 36.92 -2.80
CA VAL B 85 12.92 37.28 -3.85
C VAL B 85 14.32 36.81 -3.48
N GLU B 86 14.68 37.01 -2.21
CA GLU B 86 16.00 36.67 -1.70
C GLU B 86 16.24 35.15 -1.71
N GLU B 87 15.21 34.40 -1.34
CA GLU B 87 15.28 32.93 -1.31
C GLU B 87 15.47 32.36 -2.72
N ALA B 88 14.65 32.86 -3.64
CA ALA B 88 14.71 32.44 -5.05
C ALA B 88 16.05 32.78 -5.68
N CYS B 89 16.58 33.95 -5.33
CA CYS B 89 17.88 34.41 -5.81
C CYS B 89 18.99 33.43 -5.44
N SER B 90 18.95 32.97 -4.19
CA SER B 90 19.97 32.07 -3.64
C SER B 90 19.93 30.66 -4.23
N LEU B 91 18.80 30.31 -4.84
CA LEU B 91 18.65 29.01 -5.53
C LEU B 91 19.14 29.06 -6.98
N THR B 92 19.59 30.23 -7.41
CA THR B 92 20.14 30.42 -8.75
C THR B 92 21.63 30.02 -8.79
N PRO B 93 22.01 29.12 -9.72
CA PRO B 93 23.43 28.76 -9.86
C PRO B 93 24.28 29.94 -10.39
N PRO B 94 25.57 30.01 -10.01
CA PRO B 94 26.45 31.13 -10.42
C PRO B 94 26.66 31.21 -11.94
N HIS B 95 26.57 30.05 -12.59
CA HIS B 95 26.79 29.95 -14.04
C HIS B 95 25.55 30.10 -14.87
N SER B 96 24.45 30.45 -14.22
CA SER B 96 23.15 30.61 -14.91
C SER B 96 23.23 31.70 -15.97
N ALA B 97 22.51 31.48 -17.07
CA ALA B 97 22.53 32.39 -18.21
C ALA B 97 22.13 33.82 -17.82
N LYS B 98 23.02 34.76 -18.09
CA LYS B 98 22.79 36.16 -17.72
C LYS B 98 21.53 36.74 -18.37
N SER B 99 20.96 37.73 -17.70
CA SER B 99 19.78 38.43 -18.21
C SER B 99 20.15 39.32 -19.38
N LYS B 100 19.16 39.57 -20.24
CA LYS B 100 19.29 40.53 -21.33
C LYS B 100 19.20 41.96 -20.82
N TYR B 101 18.74 42.10 -19.58
CA TYR B 101 18.43 43.41 -19.00
C TYR B 101 19.51 43.93 -18.03
N GLY B 102 20.77 43.64 -18.36
CA GLY B 102 21.91 44.31 -17.74
C GLY B 102 22.47 43.72 -16.46
N TYR B 103 22.15 42.45 -16.20
CA TYR B 103 22.69 41.73 -15.04
C TYR B 103 22.82 40.23 -15.29
N GLY B 104 23.53 39.58 -14.37
CA GLY B 104 23.82 38.15 -14.47
C GLY B 104 23.61 37.38 -13.18
N ALA B 105 24.01 36.11 -13.21
CA ALA B 105 23.77 35.19 -12.08
C ALA B 105 24.46 35.65 -10.80
N LYS B 106 25.67 36.18 -10.93
CA LYS B 106 26.44 36.69 -9.79
C LYS B 106 25.71 37.84 -9.10
N ASP B 107 25.10 38.70 -9.93
CA ASP B 107 24.33 39.85 -9.46
C ASP B 107 23.07 39.40 -8.71
N VAL B 108 22.44 38.36 -9.23
CA VAL B 108 21.25 37.79 -8.61
C VAL B 108 21.59 37.20 -7.25
N ARG B 109 22.66 36.41 -7.20
CA ARG B 109 23.09 35.73 -5.98
C ARG B 109 23.53 36.71 -4.88
N SER B 110 24.02 37.86 -5.29
CA SER B 110 24.46 38.92 -4.35
C SER B 110 23.34 39.91 -4.01
N HIS B 111 22.17 39.67 -4.57
CA HIS B 111 20.97 40.52 -4.35
C HIS B 111 21.19 41.94 -4.79
N ALA B 112 21.91 42.10 -5.91
CA ALA B 112 22.22 43.42 -6.47
C ALA B 112 20.96 44.19 -6.87
N SER B 113 21.04 45.50 -6.75
CA SER B 113 19.89 46.41 -6.93
C SER B 113 19.23 46.30 -8.30
N ARG B 114 20.04 46.25 -9.36
CA ARG B 114 19.51 46.19 -10.73
C ARG B 114 18.77 44.87 -10.97
N ALA B 115 19.38 43.78 -10.49
CA ALA B 115 18.80 42.44 -10.61
C ALA B 115 17.46 42.36 -9.91
N VAL B 116 17.46 42.70 -8.62
CA VAL B 116 16.25 42.65 -7.79
C VAL B 116 15.15 43.57 -8.30
N ALA B 117 15.56 44.72 -8.82
CA ALA B 117 14.63 45.69 -9.40
C ALA B 117 13.87 45.06 -10.57
N HIS B 118 14.61 44.44 -11.48
CA HIS B 118 14.02 43.82 -12.67
C HIS B 118 13.13 42.66 -12.30
N ILE B 119 13.59 41.86 -11.34
CA ILE B 119 12.85 40.69 -10.86
C ILE B 119 11.49 41.10 -10.27
N ASN B 120 11.52 42.17 -9.46
CA ASN B 120 10.29 42.74 -8.88
C ASN B 120 9.31 43.20 -9.95
N SER B 121 9.83 43.80 -11.01
CA SER B 121 9.00 44.30 -12.12
C SER B 121 8.41 43.14 -12.93
N VAL B 122 9.21 42.11 -13.14
CA VAL B 122 8.74 40.89 -13.84
C VAL B 122 7.58 40.25 -13.06
N TRP B 123 7.77 40.15 -11.75
CA TRP B 123 6.75 39.60 -10.85
C TRP B 123 5.46 40.38 -10.93
N LYS B 124 5.60 41.71 -10.91
CA LYS B 124 4.44 42.61 -11.01
C LYS B 124 3.69 42.40 -12.32
N ASP B 125 4.46 42.26 -13.39
CA ASP B 125 3.92 42.03 -14.74
C ASP B 125 3.15 40.71 -14.80
N LEU B 126 3.67 39.69 -14.12
CA LEU B 126 3.02 38.38 -14.02
C LEU B 126 1.65 38.49 -13.35
N LEU B 127 1.59 39.33 -12.32
CA LEU B 127 0.34 39.53 -11.57
C LEU B 127 -0.68 40.35 -12.35
N GLU B 128 -0.18 41.23 -13.20
CA GLU B 128 -1.01 42.17 -13.94
C GLU B 128 -1.44 41.68 -15.33
N ASP B 129 -0.59 40.86 -15.93
CA ASP B 129 -0.80 40.33 -17.28
C ASP B 129 -0.77 38.80 -17.28
N SER B 130 -1.88 38.19 -17.66
CA SER B 130 -2.01 36.72 -17.69
C SER B 130 -2.13 36.14 -19.10
N VAL B 131 -1.85 36.94 -20.13
CA VAL B 131 -2.09 36.52 -21.54
C VAL B 131 -0.90 36.62 -22.50
N THR B 132 -0.14 37.71 -22.43
CA THR B 132 0.91 37.98 -23.43
C THR B 132 2.04 36.93 -23.35
N PRO B 133 2.26 36.19 -24.45
CA PRO B 133 3.32 35.18 -24.38
C PRO B 133 4.68 35.75 -24.05
N ILE B 134 5.40 35.03 -23.21
CA ILE B 134 6.75 35.43 -22.78
C ILE B 134 7.79 34.89 -23.74
N ASP B 135 8.75 35.73 -24.10
CA ASP B 135 9.81 35.34 -25.01
C ASP B 135 10.71 34.26 -24.41
N THR B 136 11.21 33.40 -25.28
CA THR B 136 12.16 32.36 -24.89
C THR B 136 13.32 32.29 -25.88
N THR B 137 14.48 31.89 -25.35
CA THR B 137 15.64 31.62 -26.19
C THR B 137 15.73 30.13 -26.50
N ILE B 138 16.02 29.83 -27.76
CA ILE B 138 16.30 28.47 -28.18
C ILE B 138 17.81 28.29 -28.44
N MET B 139 18.37 27.25 -27.85
CA MET B 139 19.78 26.90 -28.01
C MET B 139 19.99 25.41 -28.26
N ALA B 140 21.13 25.08 -28.86
CA ALA B 140 21.53 23.70 -29.08
C ALA B 140 22.43 23.25 -27.93
N LYS B 141 22.01 22.20 -27.23
CA LYS B 141 22.82 21.63 -26.14
C LYS B 141 24.12 21.06 -26.68
N ASN B 142 25.20 21.34 -25.96
CA ASN B 142 26.51 20.77 -26.28
C ASN B 142 26.83 19.63 -25.32
N GLU B 143 26.52 18.41 -25.77
CA GLU B 143 26.73 17.21 -24.95
C GLU B 143 27.63 16.19 -25.65
N VAL B 144 28.43 15.49 -24.85
CA VAL B 144 29.45 14.59 -25.36
C VAL B 144 28.98 13.13 -25.41
N PHE B 145 29.23 12.50 -26.56
CA PHE B 145 28.94 11.08 -26.78
C PHE B 145 30.07 10.36 -27.50
N CYS B 146 29.95 9.04 -27.57
CA CYS B 146 30.81 8.22 -28.40
C CYS B 146 30.03 7.77 -29.63
N VAL B 147 30.67 7.79 -30.79
CA VAL B 147 30.00 7.38 -32.03
C VAL B 147 29.62 5.91 -31.94
N GLN B 148 28.41 5.61 -32.40
CA GLN B 148 27.95 4.22 -32.50
C GLN B 148 27.51 3.95 -33.94
N PRO B 149 28.46 3.53 -34.79
CA PRO B 149 28.22 3.35 -36.23
C PRO B 149 27.04 2.44 -36.56
N GLU B 150 26.89 1.36 -35.81
CA GLU B 150 25.78 0.44 -36.00
C GLU B 150 24.44 1.11 -35.66
N LYS B 151 24.50 2.11 -34.79
CA LYS B 151 23.30 2.75 -34.26
C LYS B 151 22.95 4.04 -34.99
N GLY B 152 23.43 4.18 -36.21
CA GLY B 152 23.19 5.36 -37.04
C GLY B 152 24.30 6.38 -36.95
N GLY B 153 24.00 7.62 -37.35
CA GLY B 153 24.99 8.68 -37.33
C GLY B 153 25.21 9.18 -35.93
N ARG B 154 25.93 10.29 -35.81
CA ARG B 154 26.09 10.95 -34.53
C ARG B 154 24.69 11.35 -34.12
N LYS B 155 24.48 11.46 -32.81
CA LYS B 155 23.21 11.98 -32.30
C LYS B 155 23.11 13.47 -32.59
N PRO B 156 21.94 13.96 -33.01
CA PRO B 156 21.78 15.40 -33.16
C PRO B 156 21.65 16.08 -31.80
N ALA B 157 21.97 17.37 -31.78
CA ALA B 157 21.89 18.16 -30.54
C ALA B 157 20.46 18.24 -30.03
N ARG B 158 20.30 18.11 -28.72
CA ARG B 158 19.02 18.43 -28.08
C ARG B 158 18.82 19.94 -28.06
N LEU B 159 17.55 20.35 -28.12
CA LEU B 159 17.20 21.76 -28.10
C LEU B 159 16.76 22.17 -26.71
N ILE B 160 17.39 23.22 -26.19
CA ILE B 160 17.00 23.81 -24.91
C ILE B 160 16.26 25.12 -25.14
N VAL B 161 15.13 25.26 -24.46
CA VAL B 161 14.29 26.45 -24.55
C VAL B 161 14.06 27.03 -23.16
N PHE B 162 14.43 28.30 -22.99
CA PHE B 162 14.40 28.95 -21.67
C PHE B 162 14.08 30.44 -21.74
N PRO B 163 13.40 30.97 -20.71
CA PRO B 163 13.14 32.40 -20.63
C PRO B 163 14.29 33.16 -19.98
N ASP B 164 14.13 34.48 -19.88
CA ASP B 164 15.15 35.35 -19.28
C ASP B 164 15.34 35.05 -17.79
N LEU B 165 16.53 35.33 -17.29
CA LEU B 165 16.92 35.10 -15.88
C LEU B 165 15.90 35.65 -14.89
N GLY B 166 15.40 36.85 -15.18
CA GLY B 166 14.39 37.51 -14.34
C GLY B 166 13.14 36.65 -14.18
N VAL B 167 12.68 36.08 -15.30
CA VAL B 167 11.51 35.20 -15.30
C VAL B 167 11.80 33.91 -14.52
N ARG B 168 13.02 33.39 -14.71
CA ARG B 168 13.43 32.13 -14.07
C ARG B 168 13.42 32.25 -12.55
N VAL B 169 13.82 33.40 -12.04
CA VAL B 169 13.77 33.67 -10.60
C VAL B 169 12.31 33.73 -10.10
N CYS B 170 11.47 34.38 -10.90
CA CYS B 170 10.03 34.47 -10.58
C CYS B 170 9.37 33.09 -10.54
N GLU B 171 9.80 32.20 -11.44
CA GLU B 171 9.27 30.84 -11.47
C GLU B 171 9.51 30.17 -10.13
N LYS B 172 10.72 30.37 -9.61
CA LYS B 172 11.13 29.80 -8.33
C LYS B 172 10.24 30.32 -7.22
N MET B 173 9.99 31.63 -7.24
CA MET B 173 9.15 32.25 -6.22
C MET B 173 7.76 31.59 -6.20
N ALA B 174 7.19 31.45 -7.39
CA ALA B 174 5.83 30.91 -7.53
C ALA B 174 5.72 29.41 -7.27
N LEU B 175 6.73 28.66 -7.68
CA LEU B 175 6.58 27.20 -7.87
C LEU B 175 7.62 26.29 -7.23
N TYR B 176 8.71 26.83 -6.72
CA TYR B 176 9.79 25.97 -6.21
C TYR B 176 9.28 25.06 -5.11
N ASP B 177 8.51 25.61 -4.18
CA ASP B 177 7.96 24.84 -3.06
C ASP B 177 6.93 23.81 -3.52
N VAL B 178 6.20 24.16 -4.59
CA VAL B 178 5.24 23.23 -5.20
C VAL B 178 5.93 22.04 -5.85
N VAL B 179 6.89 22.32 -6.73
CA VAL B 179 7.59 21.25 -7.47
C VAL B 179 8.40 20.36 -6.52
N SER B 180 8.80 20.94 -5.39
CA SER B 180 9.52 20.22 -4.33
C SER B 180 8.66 19.23 -3.54
N LYS B 181 7.38 19.53 -3.39
CA LYS B 181 6.48 18.74 -2.52
C LYS B 181 5.46 17.89 -3.28
N LEU B 182 4.98 18.41 -4.40
CA LEU B 182 3.82 17.83 -5.09
C LEU B 182 4.02 16.41 -5.67
N PRO B 183 5.10 16.18 -6.43
CA PRO B 183 5.31 14.88 -7.05
C PRO B 183 5.32 13.72 -6.06
N LEU B 184 6.03 13.90 -4.95
CA LEU B 184 6.10 12.86 -3.90
C LEU B 184 4.73 12.58 -3.32
N ALA B 185 3.99 13.66 -3.05
CA ALA B 185 2.66 13.57 -2.46
C ALA B 185 1.69 12.84 -3.38
N VAL B 186 1.80 13.11 -4.68
CA VAL B 186 0.91 12.52 -5.68
C VAL B 186 1.27 11.07 -6.01
N MET B 187 2.57 10.84 -6.20
CA MET B 187 3.06 9.61 -6.80
C MET B 187 3.59 8.58 -5.80
N GLY B 188 3.91 9.05 -4.60
CA GLY B 188 4.44 8.19 -3.55
C GLY B 188 5.67 7.43 -4.00
N SER B 189 5.60 6.11 -3.88
CA SER B 189 6.75 5.24 -4.17
C SER B 189 7.18 5.26 -5.64
N SER B 190 6.25 5.66 -6.52
CA SER B 190 6.55 5.75 -7.96
C SER B 190 7.43 6.94 -8.34
N TYR B 191 7.59 7.90 -7.43
CA TYR B 191 8.39 9.10 -7.70
C TYR B 191 9.89 8.78 -7.64
N GLY B 192 10.51 8.78 -8.81
CA GLY B 192 11.89 8.28 -8.97
C GLY B 192 12.95 9.10 -8.26
N PHE B 193 12.77 10.41 -8.25
CA PHE B 193 13.80 11.36 -7.76
C PHE B 193 14.06 11.27 -6.25
N GLN B 194 13.10 10.69 -5.53
CA GLN B 194 13.18 10.59 -4.07
C GLN B 194 14.26 9.63 -3.57
N TYR B 195 14.71 8.74 -4.45
CA TYR B 195 15.63 7.67 -4.05
C TYR B 195 17.10 7.96 -4.28
N SER B 196 17.91 7.64 -3.29
CA SER B 196 19.35 7.45 -3.47
C SER B 196 19.54 6.19 -4.32
N PRO B 197 20.71 6.01 -4.94
CA PRO B 197 20.94 4.83 -5.77
C PRO B 197 20.69 3.52 -5.03
N GLY B 198 21.13 3.46 -3.78
CA GLY B 198 20.94 2.29 -2.92
C GLY B 198 19.48 2.01 -2.64
N GLN B 199 18.73 3.09 -2.38
CA GLN B 199 17.29 3.01 -2.16
C GLN B 199 16.55 2.61 -3.42
N ARG B 200 17.01 3.13 -4.56
CA ARG B 200 16.40 2.82 -5.86
C ARG B 200 16.54 1.35 -6.19
N VAL B 201 17.74 0.83 -5.94
CA VAL B 201 18.06 -0.57 -6.16
C VAL B 201 17.19 -1.46 -5.29
N GLU B 202 17.07 -1.08 -4.02
CA GLU B 202 16.25 -1.80 -3.04
C GLU B 202 14.78 -1.84 -3.46
N PHE B 203 14.29 -0.71 -3.95
CA PHE B 203 12.91 -0.59 -4.41
C PHE B 203 12.62 -1.55 -5.56
N LEU B 204 13.51 -1.56 -6.55
CA LEU B 204 13.38 -2.40 -7.75
C LEU B 204 13.48 -3.89 -7.42
N VAL B 205 14.40 -4.23 -6.55
CA VAL B 205 14.61 -5.63 -6.15
C VAL B 205 13.40 -6.16 -5.40
N GLN B 206 12.88 -5.35 -4.48
CA GLN B 206 11.69 -5.71 -3.70
C GLN B 206 10.47 -5.84 -4.59
N ALA B 207 10.33 -4.90 -5.53
CA ALA B 207 9.21 -4.93 -6.48
C ALA B 207 9.26 -6.21 -7.30
N TRP B 208 10.45 -6.56 -7.77
CA TRP B 208 10.67 -7.78 -8.55
C TRP B 208 10.36 -9.02 -7.77
N LYS B 209 10.84 -9.04 -6.54
CA LYS B 209 10.66 -10.20 -5.64
C LYS B 209 9.23 -10.35 -5.17
N SER B 210 8.47 -9.26 -5.18
CA SER B 210 7.09 -9.26 -4.67
C SER B 210 6.14 -10.04 -5.58
N LYS B 211 6.53 -10.22 -6.84
CA LYS B 211 5.68 -10.91 -7.81
C LYS B 211 5.95 -12.41 -7.82
N LYS B 212 4.89 -13.20 -8.03
CA LYS B 212 5.02 -14.66 -8.17
C LYS B 212 5.87 -14.98 -9.39
N THR B 213 5.47 -14.41 -10.52
CA THR B 213 6.23 -14.49 -11.78
C THR B 213 6.38 -13.07 -12.35
N PRO B 214 7.49 -12.38 -12.02
CA PRO B 214 7.61 -10.99 -12.44
C PRO B 214 7.83 -10.81 -13.93
N MET B 215 7.17 -9.81 -14.47
CA MET B 215 7.46 -9.30 -15.80
C MET B 215 7.64 -7.80 -15.71
N GLY B 216 8.63 -7.30 -16.44
CA GLY B 216 8.93 -5.88 -16.45
C GLY B 216 9.24 -5.34 -17.82
N PHE B 217 9.02 -4.05 -18.00
CA PHE B 217 9.39 -3.38 -19.23
C PHE B 217 9.64 -1.90 -19.01
N SER B 218 10.48 -1.33 -19.87
CA SER B 218 10.64 0.12 -19.94
C SER B 218 9.83 0.63 -21.12
N TYR B 219 9.31 1.83 -20.99
CA TYR B 219 8.57 2.47 -22.08
C TYR B 219 9.25 3.77 -22.47
N ASP B 220 9.78 3.81 -23.68
CA ASP B 220 10.48 4.99 -24.22
C ASP B 220 9.57 5.75 -25.17
N THR B 221 9.02 6.85 -24.67
CA THR B 221 8.20 7.73 -25.51
C THR B 221 9.10 8.48 -26.49
N ARG B 222 8.69 8.49 -27.75
CA ARG B 222 9.41 9.24 -28.78
C ARG B 222 9.21 10.74 -28.57
N CYS B 223 10.31 11.45 -28.33
CA CYS B 223 10.31 12.90 -28.19
C CYS B 223 9.26 13.38 -27.19
N PHE B 224 9.40 12.94 -25.95
CA PHE B 224 8.38 13.18 -24.92
C PHE B 224 7.94 14.64 -24.83
N ASP B 225 8.91 15.55 -24.78
CA ASP B 225 8.61 16.98 -24.61
C ASP B 225 7.64 17.48 -25.68
N SER B 226 7.79 16.97 -26.90
CA SER B 226 6.92 17.36 -28.04
C SER B 226 5.53 16.74 -27.95
N THR B 227 5.42 15.59 -27.28
CA THR B 227 4.15 14.90 -27.11
C THR B 227 3.25 15.58 -26.09
N VAL B 228 3.87 16.37 -25.22
CA VAL B 228 3.13 17.13 -24.20
C VAL B 228 2.31 18.23 -24.87
N THR B 229 1.00 18.08 -24.78
CA THR B 229 0.06 19.02 -25.40
C THR B 229 -0.28 20.21 -24.51
N GLU B 230 -0.97 21.18 -25.11
CA GLU B 230 -1.44 22.36 -24.38
C GLU B 230 -2.38 21.96 -23.25
N SER B 231 -3.27 21.00 -23.54
CA SER B 231 -4.22 20.52 -22.54
CA SER B 231 -4.23 20.50 -22.54
C SER B 231 -3.50 19.82 -21.38
N ASP B 232 -2.42 19.10 -21.70
CA ASP B 232 -1.57 18.44 -20.69
C ASP B 232 -0.98 19.47 -19.71
N ILE B 233 -0.49 20.56 -20.28
CA ILE B 233 0.17 21.62 -19.51
C ILE B 233 -0.84 22.41 -18.66
N ARG B 234 -2.02 22.62 -19.22
CA ARG B 234 -3.11 23.28 -18.49
C ARG B 234 -3.65 22.39 -17.37
N THR B 235 -3.64 21.08 -17.62
CA THR B 235 -4.01 20.09 -16.59
C THR B 235 -3.01 20.11 -15.44
N GLU B 236 -1.73 20.29 -15.77
CA GLU B 236 -0.68 20.41 -14.75
C GLU B 236 -0.96 21.63 -13.86
N GLU B 237 -1.35 22.72 -14.49
CA GLU B 237 -1.74 23.96 -13.78
C GLU B 237 -2.89 23.70 -12.81
N ALA B 238 -3.90 23.00 -13.30
CA ALA B 238 -5.08 22.66 -12.49
C ALA B 238 -4.69 21.82 -11.27
N ILE B 239 -3.73 20.92 -11.46
CA ILE B 239 -3.22 20.06 -10.39
C ILE B 239 -2.48 20.91 -9.35
N TYR B 240 -1.64 21.83 -9.83
CA TYR B 240 -0.91 22.75 -8.93
C TYR B 240 -1.88 23.54 -8.06
N GLN B 241 -2.99 23.99 -8.68
CA GLN B 241 -4.00 24.81 -8.00
C GLN B 241 -4.82 24.03 -6.96
N CYS B 242 -4.71 22.70 -6.96
CA CYS B 242 -5.36 21.88 -5.93
C CYS B 242 -4.69 22.02 -4.56
N CYS B 243 -3.43 22.43 -4.56
CA CYS B 243 -2.70 22.71 -3.32
C CYS B 243 -3.28 23.91 -2.58
N ASP B 244 -2.99 23.96 -1.29
CA ASP B 244 -3.19 25.18 -0.50
C ASP B 244 -2.03 26.11 -0.82
N LEU B 245 -2.36 27.19 -1.56
CA LEU B 245 -1.36 28.15 -2.04
C LEU B 245 -1.65 29.56 -1.54
N ASP B 246 -0.64 30.42 -1.63
CA ASP B 246 -0.79 31.87 -1.39
C ASP B 246 -1.59 32.45 -2.56
N PRO B 247 -2.48 33.42 -2.27
CA PRO B 247 -3.26 34.08 -3.32
C PRO B 247 -2.42 34.60 -4.49
N GLN B 248 -1.31 35.25 -4.19
CA GLN B 248 -0.42 35.78 -5.24
C GLN B 248 0.21 34.66 -6.06
N ALA B 249 0.53 33.55 -5.39
CA ALA B 249 1.10 32.37 -6.06
C ALA B 249 0.14 31.84 -7.11
N ARG B 250 -1.13 31.76 -6.75
CA ARG B 250 -2.18 31.25 -7.65
C ARG B 250 -2.24 32.05 -8.96
N VAL B 251 -2.14 33.37 -8.82
CA VAL B 251 -2.19 34.27 -9.98
C VAL B 251 -0.98 34.09 -10.88
N ALA B 252 0.21 34.11 -10.27
CA ALA B 252 1.48 33.97 -10.99
C ALA B 252 1.60 32.61 -11.70
N ILE B 253 1.12 31.57 -11.04
CA ILE B 253 1.15 30.21 -11.60
C ILE B 253 0.30 30.11 -12.88
N LYS B 254 -0.87 30.75 -12.83
CA LYS B 254 -1.78 30.82 -13.99
C LYS B 254 -1.13 31.61 -15.13
N SER B 255 -0.56 32.75 -14.77
CA SER B 255 0.13 33.62 -15.73
C SER B 255 1.31 32.91 -16.40
N LEU B 256 2.13 32.26 -15.57
CA LEU B 256 3.28 31.50 -16.08
C LEU B 256 2.82 30.36 -17.00
N THR B 257 1.73 29.72 -16.64
CA THR B 257 1.16 28.64 -17.46
C THR B 257 0.73 29.13 -18.83
N GLU B 258 -0.08 30.18 -18.85
CA GLU B 258 -0.66 30.71 -20.10
C GLU B 258 0.34 31.46 -20.97
N ARG B 259 1.30 32.11 -20.34
CA ARG B 259 2.27 32.97 -21.05
C ARG B 259 3.60 32.27 -21.39
N LEU B 260 3.91 31.20 -20.67
CA LEU B 260 5.21 30.52 -20.81
C LEU B 260 5.10 29.02 -21.05
N TYR B 261 4.49 28.32 -20.09
CA TYR B 261 4.52 26.84 -20.11
C TYR B 261 3.75 26.22 -21.29
N VAL B 262 2.57 26.76 -21.60
CA VAL B 262 1.72 26.21 -22.68
C VAL B 262 2.33 26.44 -24.06
N GLY B 263 3.23 27.41 -24.16
CA GLY B 263 3.87 27.76 -25.42
C GLY B 263 4.35 29.18 -25.49
N GLY B 264 4.90 29.52 -26.65
CA GLY B 264 5.42 30.87 -26.90
C GLY B 264 6.43 30.95 -28.02
N PRO B 265 6.85 32.18 -28.35
CA PRO B 265 7.80 32.37 -29.42
C PRO B 265 9.21 31.91 -29.05
N LEU B 266 9.94 31.50 -30.07
CA LEU B 266 11.31 31.02 -29.96
C LEU B 266 12.24 31.99 -30.67
N THR B 267 13.21 32.49 -29.91
CA THR B 267 14.21 33.43 -30.42
C THR B 267 15.61 32.83 -30.32
N ASN B 268 16.37 32.92 -31.40
CA ASN B 268 17.77 32.44 -31.38
C ASN B 268 18.72 33.43 -30.72
N SER B 269 19.99 33.05 -30.63
CA SER B 269 21.02 33.84 -29.93
C SER B 269 21.30 35.17 -30.62
N ARG B 270 20.96 35.23 -31.90
CA ARG B 270 21.14 36.47 -32.70
C ARG B 270 19.90 37.36 -32.67
N GLY B 271 18.92 36.98 -31.86
CA GLY B 271 17.69 37.75 -31.69
C GLY B 271 16.64 37.53 -32.76
N GLU B 272 16.87 36.55 -33.62
CA GLU B 272 15.95 36.24 -34.73
C GLU B 272 14.82 35.31 -34.30
N ASN B 273 13.66 35.50 -34.91
CA ASN B 273 12.48 34.70 -34.63
C ASN B 273 12.60 33.34 -35.33
N CYS B 274 12.80 32.31 -34.51
CA CYS B 274 12.91 30.92 -34.99
C CYS B 274 11.59 30.23 -35.25
N GLY B 275 10.57 30.63 -34.52
CA GLY B 275 9.28 29.97 -34.60
C GLY B 275 8.46 30.05 -33.34
N TYR B 276 7.57 29.08 -33.20
CA TYR B 276 6.62 29.06 -32.10
C TYR B 276 6.47 27.65 -31.53
N ARG B 277 6.44 27.59 -30.22
CA ARG B 277 6.34 26.34 -29.46
C ARG B 277 4.94 26.15 -28.91
N ARG B 278 4.42 24.93 -29.05
CA ARG B 278 3.12 24.54 -28.49
C ARG B 278 3.22 23.24 -27.70
N CYS B 279 4.37 23.06 -27.07
CA CYS B 279 4.67 21.86 -26.28
C CYS B 279 5.57 22.22 -25.11
N ARG B 280 6.13 21.20 -24.47
CA ARG B 280 6.98 21.41 -23.30
C ARG B 280 8.26 22.18 -23.60
N ALA B 281 8.54 23.18 -22.77
CA ALA B 281 9.83 23.86 -22.75
C ALA B 281 10.78 23.08 -21.86
N SER B 282 11.94 22.73 -22.39
CA SER B 282 12.94 21.94 -21.65
C SER B 282 13.59 22.70 -20.51
N GLY B 283 13.63 24.03 -20.63
CA GLY B 283 14.44 24.87 -19.74
C GLY B 283 13.64 25.73 -18.79
N VAL B 284 12.53 25.17 -18.29
CA VAL B 284 11.73 25.85 -17.27
C VAL B 284 11.66 25.02 -16.00
N LEU B 285 11.26 25.67 -14.91
CA LEU B 285 11.30 25.07 -13.57
C LEU B 285 10.42 23.82 -13.47
N THR B 286 9.31 23.83 -14.18
CA THR B 286 8.30 22.77 -14.07
C THR B 286 8.50 21.61 -15.05
N THR B 287 9.59 21.66 -15.81
CA THR B 287 9.84 20.62 -16.83
C THR B 287 9.90 19.23 -16.20
N SER B 288 10.68 19.11 -15.14
CA SER B 288 10.88 17.83 -14.47
C SER B 288 9.60 17.33 -13.80
N CYS B 289 9.05 18.19 -12.93
CA CYS B 289 7.80 17.88 -12.21
C CYS B 289 6.67 17.58 -13.18
N GLY B 290 6.53 18.46 -14.16
CA GLY B 290 5.48 18.34 -15.18
C GLY B 290 5.58 17.06 -15.99
N ASN B 291 6.78 16.77 -16.47
CA ASN B 291 7.01 15.55 -17.27
C ASN B 291 6.72 14.29 -16.46
N THR B 292 7.23 14.28 -15.24
CA THR B 292 7.03 13.13 -14.33
C THR B 292 5.55 12.89 -14.08
N LEU B 293 4.83 13.97 -13.75
CA LEU B 293 3.39 13.91 -13.46
C LEU B 293 2.57 13.42 -14.65
N THR B 294 2.83 14.01 -15.81
CA THR B 294 2.09 13.70 -17.04
C THR B 294 2.37 12.28 -17.52
N CYS B 295 3.63 11.88 -17.42
CA CYS B 295 4.04 10.52 -17.73
C CYS B 295 3.33 9.53 -16.81
N TYR B 296 3.35 9.85 -15.52
CA TYR B 296 2.71 9.03 -14.49
C TYR B 296 1.22 8.84 -14.75
N ILE B 297 0.53 9.95 -14.98
CA ILE B 297 -0.93 9.95 -15.21
C ILE B 297 -1.28 9.06 -16.41
N LYS B 298 -0.57 9.29 -17.50
CA LYS B 298 -0.78 8.55 -18.75
C LYS B 298 -0.47 7.07 -18.60
N ALA B 299 0.69 6.79 -17.98
CA ALA B 299 1.15 5.41 -17.75
C ALA B 299 0.21 4.63 -16.83
N ARG B 300 -0.23 5.30 -15.76
CA ARG B 300 -1.11 4.66 -14.77
C ARG B 300 -2.45 4.30 -15.41
N ALA B 301 -2.96 5.22 -16.22
CA ALA B 301 -4.18 5.00 -16.98
C ALA B 301 -3.99 3.87 -18.01
N ALA B 302 -2.86 3.89 -18.70
CA ALA B 302 -2.54 2.89 -19.73
C ALA B 302 -2.40 1.49 -19.16
N CYS B 303 -1.86 1.40 -17.94
CA CYS B 303 -1.76 0.10 -17.22
C CYS B 303 -3.12 -0.53 -17.00
N ARG B 304 -4.11 0.32 -16.74
CA ARG B 304 -5.49 -0.14 -16.53
C ARG B 304 -6.12 -0.59 -17.84
N ALA B 305 -5.89 0.20 -18.88
CA ALA B 305 -6.39 -0.13 -20.22
C ALA B 305 -5.79 -1.43 -20.73
N ALA B 306 -4.52 -1.64 -20.41
CA ALA B 306 -3.76 -2.82 -20.85
C ALA B 306 -4.08 -4.07 -20.02
N GLY B 307 -4.80 -3.88 -18.92
CA GLY B 307 -5.16 -4.99 -18.04
C GLY B 307 -3.98 -5.60 -17.33
N LEU B 308 -2.97 -4.77 -17.08
CA LEU B 308 -1.77 -5.22 -16.36
C LEU B 308 -2.11 -5.45 -14.89
N GLN B 309 -1.56 -6.52 -14.35
CA GLN B 309 -1.92 -7.01 -13.01
C GLN B 309 -0.84 -6.70 -11.99
N ASP B 310 -1.25 -6.10 -10.88
CA ASP B 310 -0.38 -5.82 -9.74
C ASP B 310 0.84 -5.02 -10.19
N CYS B 311 0.56 -3.86 -10.80
CA CYS B 311 1.61 -2.99 -11.33
C CYS B 311 2.36 -2.22 -10.26
N THR B 312 3.67 -2.27 -10.36
CA THR B 312 4.56 -1.35 -9.65
C THR B 312 5.27 -0.50 -10.69
N MET B 313 5.03 0.81 -10.62
CA MET B 313 5.66 1.76 -11.56
C MET B 313 6.76 2.57 -10.91
N LEU B 314 7.72 2.96 -11.75
CA LEU B 314 8.77 3.90 -11.37
C LEU B 314 8.97 4.91 -12.49
N VAL B 315 8.88 6.19 -12.13
CA VAL B 315 8.86 7.28 -13.10
C VAL B 315 9.88 8.36 -12.79
N TYR B 316 10.73 8.64 -13.77
CA TYR B 316 11.73 9.70 -13.69
C TYR B 316 11.66 10.54 -14.96
N GLY B 317 11.04 11.70 -14.85
CA GLY B 317 10.76 12.54 -16.02
C GLY B 317 9.98 11.74 -17.05
N ASP B 318 10.54 11.64 -18.26
CA ASP B 318 9.90 10.86 -19.34
C ASP B 318 10.28 9.38 -19.32
N ASP B 319 11.14 9.00 -18.38
CA ASP B 319 11.57 7.61 -18.24
C ASP B 319 10.63 6.84 -17.34
N LEU B 320 10.20 5.69 -17.83
CA LEU B 320 9.16 4.90 -17.19
C LEU B 320 9.47 3.41 -17.22
N VAL B 321 9.35 2.78 -16.05
CA VAL B 321 9.45 1.33 -15.92
C VAL B 321 8.23 0.78 -15.18
N VAL B 322 7.68 -0.30 -15.71
CA VAL B 322 6.59 -1.01 -15.05
C VAL B 322 7.04 -2.43 -14.74
N ILE B 323 6.81 -2.82 -13.49
CA ILE B 323 7.00 -4.21 -13.06
C ILE B 323 5.65 -4.76 -12.60
N CYS B 324 5.27 -5.90 -13.15
CA CYS B 324 3.95 -6.48 -12.90
C CYS B 324 3.94 -8.02 -12.78
N GLU B 325 2.77 -8.54 -12.46
CA GLU B 325 2.55 -9.97 -12.33
C GLU B 325 2.22 -10.57 -13.70
N SER B 326 3.07 -11.50 -14.14
CA SER B 326 2.91 -12.11 -15.47
C SER B 326 1.60 -12.88 -15.61
N ALA B 327 1.01 -12.76 -16.79
CA ALA B 327 -0.22 -13.46 -17.13
C ALA B 327 0.05 -14.61 -18.11
N GLY B 328 1.33 -14.85 -18.39
CA GLY B 328 1.75 -15.77 -19.44
C GLY B 328 2.44 -15.00 -20.56
N VAL B 329 3.20 -15.71 -21.38
CA VAL B 329 4.06 -15.06 -22.39
C VAL B 329 3.25 -14.32 -23.45
N GLN B 330 2.28 -15.01 -24.04
CA GLN B 330 1.47 -14.40 -25.10
C GLN B 330 0.49 -13.37 -24.52
N GLU B 331 0.02 -13.65 -23.31
CA GLU B 331 -0.88 -12.75 -22.59
C GLU B 331 -0.17 -11.41 -22.28
N ASP B 332 1.07 -11.53 -21.82
CA ASP B 332 1.92 -10.37 -21.50
C ASP B 332 2.23 -9.52 -22.74
N ALA B 333 2.59 -10.21 -23.82
CA ALA B 333 2.93 -9.55 -25.09
C ALA B 333 1.75 -8.73 -25.62
N ALA B 334 0.56 -9.30 -25.50
CA ALA B 334 -0.68 -8.64 -25.96
C ALA B 334 -1.04 -7.45 -25.06
N SER B 335 -0.83 -7.62 -23.77
CA SER B 335 -1.12 -6.55 -22.80
C SER B 335 -0.20 -5.35 -23.03
N LEU B 336 1.05 -5.64 -23.38
CA LEU B 336 2.06 -4.62 -23.67
C LEU B 336 1.71 -3.84 -24.95
N ARG B 337 1.16 -4.55 -25.93
CA ARG B 337 0.65 -3.91 -27.16
C ARG B 337 -0.54 -2.99 -26.85
N ALA B 338 -1.39 -3.44 -25.93
CA ALA B 338 -2.54 -2.66 -25.46
C ALA B 338 -2.07 -1.40 -24.72
N PHE B 339 -1.04 -1.58 -23.90
CA PHE B 339 -0.44 -0.47 -23.14
C PHE B 339 0.04 0.61 -24.10
N THR B 340 0.77 0.16 -25.12
CA THR B 340 1.29 1.05 -26.17
C THR B 340 0.17 1.78 -26.91
N GLU B 341 -0.90 1.06 -27.20
CA GLU B 341 -2.07 1.62 -27.90
C GLU B 341 -2.69 2.75 -27.07
N ALA B 342 -2.83 2.51 -25.77
CA ALA B 342 -3.39 3.50 -24.85
C ALA B 342 -2.50 4.74 -24.75
N MET B 343 -1.21 4.51 -24.57
CA MET B 343 -0.23 5.60 -24.45
C MET B 343 -0.21 6.45 -25.72
N THR B 344 -0.32 5.76 -26.86
CA THR B 344 -0.36 6.43 -28.18
C THR B 344 -1.60 7.33 -28.28
N ARG B 345 -2.74 6.80 -27.84
CA ARG B 345 -4.00 7.57 -27.82
C ARG B 345 -3.84 8.80 -26.92
N TYR B 346 -3.08 8.64 -25.84
CA TYR B 346 -2.79 9.75 -24.91
C TYR B 346 -1.69 10.68 -25.44
N SER B 347 -1.33 10.47 -26.71
CA SER B 347 -0.36 11.30 -27.45
C SER B 347 1.11 10.99 -27.19
N ALA B 348 1.39 9.81 -26.63
CA ALA B 348 2.78 9.43 -26.26
C ALA B 348 3.18 8.09 -26.85
N PRO B 349 3.32 8.01 -28.19
CA PRO B 349 3.76 6.77 -28.81
C PRO B 349 5.24 6.50 -28.56
N PRO B 350 5.65 5.24 -28.66
CA PRO B 350 7.00 4.84 -28.33
C PRO B 350 7.96 5.07 -29.48
N GLY B 351 9.22 5.32 -29.13
CA GLY B 351 10.29 5.39 -30.11
C GLY B 351 10.54 4.01 -30.71
N ASP B 352 10.74 3.06 -29.81
CA ASP B 352 10.86 1.64 -30.18
C ASP B 352 9.85 0.88 -29.33
N PRO B 353 9.14 -0.11 -29.91
CA PRO B 353 8.11 -0.76 -29.12
C PRO B 353 8.70 -1.44 -27.89
N PRO B 354 8.00 -1.38 -26.75
CA PRO B 354 8.49 -1.99 -25.53
C PRO B 354 8.47 -3.50 -25.62
N GLN B 355 9.38 -4.14 -24.90
CA GLN B 355 9.48 -5.60 -24.88
C GLN B 355 9.37 -6.14 -23.45
N PRO B 356 8.57 -7.21 -23.26
CA PRO B 356 8.51 -7.79 -21.93
C PRO B 356 9.82 -8.47 -21.56
N GLU B 357 10.29 -8.21 -20.35
CA GLU B 357 11.49 -8.86 -19.82
C GLU B 357 11.15 -9.70 -18.59
N TYR B 358 11.80 -10.86 -18.49
CA TYR B 358 11.54 -11.81 -17.41
C TYR B 358 12.76 -12.03 -16.51
N ASP B 359 13.80 -11.24 -16.77
CA ASP B 359 15.01 -11.16 -15.93
C ASP B 359 15.22 -9.70 -15.56
N LEU B 360 15.38 -9.43 -14.27
CA LEU B 360 15.46 -8.06 -13.76
C LEU B 360 16.59 -7.27 -14.41
N GLU B 361 17.74 -7.93 -14.56
CA GLU B 361 18.96 -7.30 -15.10
C GLU B 361 18.78 -6.79 -16.53
N LEU B 362 17.83 -7.39 -17.25
CA LEU B 362 17.58 -7.06 -18.67
C LEU B 362 16.82 -5.75 -18.90
N ILE B 363 16.21 -5.23 -17.84
CA ILE B 363 15.44 -4.00 -17.95
C ILE B 363 16.37 -2.80 -17.84
N THR B 364 16.38 -1.98 -18.89
CA THR B 364 17.19 -0.77 -18.93
C THR B 364 16.33 0.49 -18.88
N SER B 365 16.59 1.30 -17.86
CA SER B 365 15.91 2.59 -17.67
C SER B 365 16.83 3.66 -17.07
N CYS B 366 16.68 4.88 -17.55
CA CYS B 366 17.62 5.97 -17.29
C CYS B 366 19.03 5.49 -17.61
N SER B 367 19.13 4.74 -18.70
CA SER B 367 20.39 4.17 -19.20
C SER B 367 20.99 3.12 -18.27
N SER B 368 20.27 2.81 -17.20
CA SER B 368 20.78 1.96 -16.12
C SER B 368 20.05 0.64 -15.97
N ASN B 369 20.71 -0.30 -15.31
CA ASN B 369 20.12 -1.60 -14.99
C ASN B 369 20.62 -2.14 -13.66
N VAL B 370 19.81 -3.00 -13.06
CA VAL B 370 20.20 -3.65 -11.81
C VAL B 370 21.16 -4.79 -12.12
N SER B 371 22.23 -4.89 -11.33
CA SER B 371 23.15 -6.01 -11.40
C SER B 371 23.52 -6.52 -10.02
N VAL B 372 24.23 -7.64 -9.99
CA VAL B 372 24.59 -8.30 -8.73
C VAL B 372 26.09 -8.53 -8.60
N ALA B 373 26.60 -8.24 -7.41
CA ALA B 373 27.96 -8.57 -7.02
C ALA B 373 27.94 -9.21 -5.64
N HIS B 374 29.12 -9.43 -5.07
CA HIS B 374 29.22 -10.06 -3.76
C HIS B 374 30.12 -9.32 -2.82
N ASP B 375 29.72 -9.29 -1.55
CA ASP B 375 30.51 -8.65 -0.48
C ASP B 375 31.59 -9.60 0.05
N GLY B 376 32.29 -9.16 1.09
CA GLY B 376 33.39 -9.94 1.66
C GLY B 376 32.99 -11.33 2.08
N ALA B 377 31.83 -11.44 2.73
CA ALA B 377 31.34 -12.72 3.25
C ALA B 377 30.75 -13.61 2.17
N GLY B 378 30.55 -13.04 0.98
CA GLY B 378 29.96 -13.79 -0.14
C GLY B 378 28.47 -13.60 -0.26
N LYS B 379 27.93 -12.62 0.47
CA LYS B 379 26.53 -12.27 0.34
C LYS B 379 26.27 -11.48 -0.93
N ARG B 380 25.16 -11.82 -1.60
CA ARG B 380 24.73 -11.11 -2.80
C ARG B 380 24.38 -9.67 -2.49
N VAL B 381 24.95 -8.76 -3.27
CA VAL B 381 24.67 -7.32 -3.14
C VAL B 381 24.25 -6.75 -4.48
N TYR B 382 23.08 -6.13 -4.49
CA TYR B 382 22.53 -5.53 -5.71
C TYR B 382 22.96 -4.07 -5.83
N TYR B 383 23.15 -3.64 -7.06
CA TYR B 383 23.55 -2.25 -7.33
C TYR B 383 23.17 -1.81 -8.73
N LEU B 384 23.11 -0.50 -8.93
CA LEU B 384 22.75 0.05 -10.25
C LEU B 384 24.02 0.32 -11.05
N THR B 385 23.99 -0.13 -12.29
CA THR B 385 25.09 0.08 -13.23
C THR B 385 24.58 0.59 -14.57
N ARG B 386 25.51 0.91 -15.45
CA ARG B 386 25.20 1.33 -16.82
C ARG B 386 26.39 1.05 -17.73
N ASP B 387 26.15 1.14 -19.03
CA ASP B 387 27.24 1.06 -19.99
C ASP B 387 28.15 2.26 -19.73
N PRO B 388 29.47 2.03 -19.54
CA PRO B 388 30.38 3.10 -19.16
C PRO B 388 30.86 4.00 -20.31
N THR B 389 30.44 3.69 -21.54
CA THR B 389 30.92 4.43 -22.73
C THR B 389 30.79 5.93 -22.59
N THR B 390 29.56 6.40 -22.37
CA THR B 390 29.28 7.84 -22.26
C THR B 390 30.00 8.48 -21.06
N PRO B 391 29.93 7.86 -19.86
CA PRO B 391 30.70 8.37 -18.73
C PRO B 391 32.18 8.51 -19.01
N LEU B 392 32.77 7.53 -19.69
CA LEU B 392 34.21 7.56 -20.00
C LEU B 392 34.52 8.66 -21.02
N ALA B 393 33.66 8.77 -22.04
CA ALA B 393 33.81 9.81 -23.07
C ALA B 393 33.77 11.20 -22.45
N ARG B 394 32.81 11.41 -21.54
CA ARG B 394 32.63 12.70 -20.88
C ARG B 394 33.76 12.98 -19.89
N ALA B 395 34.18 11.92 -19.20
CA ALA B 395 35.33 11.99 -18.27
C ALA B 395 36.58 12.48 -18.97
N ALA B 396 36.82 11.94 -20.16
CA ALA B 396 37.97 12.32 -20.99
C ALA B 396 37.87 13.79 -21.39
N TRP B 397 36.69 14.18 -21.83
CA TRP B 397 36.45 15.57 -22.28
C TRP B 397 36.68 16.55 -21.16
N GLU B 398 36.11 16.22 -20.01
CA GLU B 398 36.14 17.11 -18.84
C GLU B 398 37.53 17.14 -18.18
N THR B 399 38.35 16.16 -18.51
CA THR B 399 39.78 16.17 -18.14
C THR B 399 40.54 17.12 -19.06
N ALA B 400 40.24 17.04 -20.36
CA ALA B 400 40.93 17.82 -21.39
C ALA B 400 40.56 19.32 -21.34
N ARG B 401 39.33 19.59 -20.93
CA ARG B 401 38.79 20.96 -20.87
C ARG B 401 38.09 21.25 -19.55
N HIS B 402 38.37 22.42 -18.99
CA HIS B 402 37.68 22.83 -17.76
C HIS B 402 36.24 23.12 -18.06
N THR B 403 35.36 22.44 -17.35
CA THR B 403 33.92 22.68 -17.48
C THR B 403 33.36 23.18 -16.14
N PRO B 404 32.52 24.24 -16.18
CA PRO B 404 32.05 24.90 -14.97
C PRO B 404 31.29 23.94 -14.07
N VAL B 405 30.33 23.22 -14.65
CA VAL B 405 29.59 22.17 -13.95
C VAL B 405 29.98 20.84 -14.56
N ASN B 406 30.78 20.08 -13.82
CA ASN B 406 31.21 18.78 -14.30
C ASN B 406 30.11 17.74 -14.14
N SER B 407 30.25 16.65 -14.88
CA SER B 407 29.38 15.48 -14.74
C SER B 407 30.10 14.28 -14.13
N TRP B 408 31.43 14.29 -14.18
CA TRP B 408 32.23 13.11 -13.78
C TRP B 408 32.13 12.78 -12.33
N LEU B 409 32.11 13.82 -11.50
CA LEU B 409 32.07 13.66 -10.04
C LEU B 409 30.76 13.02 -9.60
N GLY B 410 29.67 13.53 -10.17
CA GLY B 410 28.33 13.01 -9.88
C GLY B 410 28.25 11.56 -10.32
N ASN B 411 28.82 11.30 -11.49
CA ASN B 411 28.86 9.96 -12.06
C ASN B 411 29.54 8.97 -11.12
N ILE B 412 30.67 9.38 -10.58
CA ILE B 412 31.44 8.54 -9.66
C ILE B 412 30.64 8.23 -8.39
N ILE B 413 30.01 9.28 -7.84
CA ILE B 413 29.22 9.15 -6.61
C ILE B 413 28.07 8.19 -6.81
N MET B 414 27.36 8.37 -7.93
CA MET B 414 26.15 7.60 -8.22
C MET B 414 26.43 6.16 -8.63
N PHE B 415 27.54 5.93 -9.31
CA PHE B 415 27.90 4.57 -9.76
C PHE B 415 29.10 3.99 -9.01
N ALA B 416 29.31 4.49 -7.79
CA ALA B 416 30.45 4.11 -6.94
C ALA B 416 30.68 2.58 -6.77
N PRO B 417 29.60 1.79 -6.61
CA PRO B 417 29.79 0.34 -6.45
C PRO B 417 30.25 -0.40 -7.70
N THR B 418 30.13 0.25 -8.86
CA THR B 418 30.43 -0.41 -10.12
C THR B 418 31.93 -0.68 -10.32
N LEU B 419 32.20 -1.73 -11.06
CA LEU B 419 33.56 -2.17 -11.41
C LEU B 419 34.34 -1.05 -12.11
N TRP B 420 33.69 -0.43 -13.08
CA TRP B 420 34.30 0.61 -13.91
C TRP B 420 34.52 1.91 -13.17
N ALA B 421 33.55 2.32 -12.37
CA ALA B 421 33.67 3.54 -11.58
C ALA B 421 34.82 3.46 -10.59
N ARG B 422 34.95 2.31 -9.95
CA ARG B 422 35.98 2.10 -8.91
C ARG B 422 37.38 1.99 -9.49
N MET B 423 37.52 1.12 -10.47
CA MET B 423 38.85 0.80 -11.04
C MET B 423 39.36 1.86 -12.00
N ILE B 424 38.46 2.48 -12.75
CA ILE B 424 38.86 3.42 -13.81
C ILE B 424 38.69 4.89 -13.42
N LEU B 425 37.45 5.30 -13.19
CA LEU B 425 37.12 6.72 -12.95
C LEU B 425 37.75 7.25 -11.66
N MET B 426 37.64 6.49 -10.58
CA MET B 426 38.22 6.92 -9.29
C MET B 426 39.73 7.06 -9.41
N THR B 427 40.37 6.05 -9.98
CA THR B 427 41.83 6.02 -10.15
C THR B 427 42.28 7.21 -10.99
N HIS B 428 41.60 7.38 -12.13
CA HIS B 428 41.93 8.45 -13.08
C HIS B 428 41.80 9.81 -12.46
N PHE B 429 40.65 10.08 -11.86
CA PHE B 429 40.37 11.44 -11.39
C PHE B 429 41.20 11.83 -10.17
N PHE B 430 41.47 10.89 -9.29
CA PHE B 430 42.37 11.17 -8.15
C PHE B 430 43.81 11.40 -8.64
N SER B 431 44.20 10.67 -9.69
CA SER B 431 45.51 10.88 -10.31
CA SER B 431 45.51 10.86 -10.33
C SER B 431 45.62 12.28 -10.92
N VAL B 432 44.55 12.71 -11.57
CA VAL B 432 44.48 14.03 -12.22
C VAL B 432 44.49 15.16 -11.18
N LEU B 433 43.70 14.98 -10.13
CA LEU B 433 43.59 15.99 -9.06
C LEU B 433 44.92 16.16 -8.34
N ILE B 434 45.61 15.05 -8.11
CA ILE B 434 46.94 15.06 -7.50
C ILE B 434 47.93 15.79 -8.39
N ALA B 435 47.95 15.41 -9.66
CA ALA B 435 48.87 15.97 -10.65
C ALA B 435 48.70 17.48 -10.80
N ARG B 436 47.47 17.94 -10.69
CA ARG B 436 47.14 19.36 -10.88
C ARG B 436 47.06 20.14 -9.57
N ASP B 437 47.33 19.46 -8.46
CA ASP B 437 47.30 20.07 -7.12
C ASP B 437 45.92 20.68 -6.83
N GLN B 438 44.88 19.92 -7.16
CA GLN B 438 43.48 20.38 -7.04
C GLN B 438 42.66 19.52 -6.07
N LEU B 439 43.36 18.71 -5.27
CA LEU B 439 42.71 17.73 -4.40
C LEU B 439 41.76 18.35 -3.37
N GLU B 440 42.09 19.56 -2.92
CA GLU B 440 41.32 20.25 -1.86
C GLU B 440 40.26 21.22 -2.39
N GLN B 441 40.21 21.40 -3.71
CA GLN B 441 39.29 22.37 -4.33
C GLN B 441 37.88 21.82 -4.51
N ALA B 442 36.90 22.57 -4.02
CA ALA B 442 35.49 22.23 -4.20
C ALA B 442 35.09 22.40 -5.66
N LEU B 443 34.24 21.51 -6.15
CA LEU B 443 33.77 21.54 -7.55
C LEU B 443 32.26 21.67 -7.66
N ASP B 444 31.81 22.26 -8.77
CA ASP B 444 30.37 22.35 -9.05
C ASP B 444 29.95 21.14 -9.88
N CYS B 445 29.04 20.36 -9.31
CA CYS B 445 28.60 19.09 -9.91
C CYS B 445 27.07 18.98 -10.03
N GLU B 446 26.64 18.23 -11.03
CA GLU B 446 25.21 18.01 -11.28
C GLU B 446 24.73 16.70 -10.64
N ILE B 447 23.64 16.80 -9.88
CA ILE B 447 22.94 15.61 -9.36
C ILE B 447 21.44 15.72 -9.63
N TYR B 448 20.95 14.81 -10.47
CA TYR B 448 19.53 14.74 -10.82
C TYR B 448 19.12 16.08 -11.43
N GLY B 449 20.10 16.72 -12.08
CA GLY B 449 19.88 18.00 -12.78
C GLY B 449 20.18 19.24 -11.95
N ALA B 450 20.22 19.09 -10.62
CA ALA B 450 20.46 20.22 -9.70
C ALA B 450 21.95 20.40 -9.36
N CYS B 451 22.43 21.64 -9.45
CA CYS B 451 23.86 21.95 -9.23
C CYS B 451 24.24 21.96 -7.75
N TYR B 452 25.31 21.23 -7.43
CA TYR B 452 25.85 21.10 -6.06
C TYR B 452 27.34 21.45 -5.98
N SER B 453 27.75 22.02 -4.86
CA SER B 453 29.17 22.22 -4.57
C SER B 453 29.68 21.07 -3.71
N ILE B 454 30.62 20.30 -4.25
CA ILE B 454 31.14 19.09 -3.59
C ILE B 454 32.68 19.03 -3.56
N GLU B 455 33.21 18.61 -2.41
CA GLU B 455 34.66 18.40 -2.25
C GLU B 455 35.01 16.93 -2.54
N PRO B 456 35.93 16.70 -3.51
CA PRO B 456 36.38 15.33 -3.83
C PRO B 456 36.80 14.52 -2.62
N LEU B 457 37.43 15.20 -1.65
CA LEU B 457 37.90 14.52 -0.43
C LEU B 457 36.78 13.97 0.45
N ASP B 458 35.54 14.41 0.19
CA ASP B 458 34.37 13.91 0.93
C ASP B 458 33.69 12.71 0.25
N LEU B 459 34.35 12.16 -0.78
CA LEU B 459 33.80 11.01 -1.52
C LEU B 459 33.46 9.79 -0.66
N PRO B 460 34.41 9.33 0.17
CA PRO B 460 34.16 8.10 0.96
C PRO B 460 32.91 8.15 1.87
N PRO B 461 32.76 9.21 2.69
CA PRO B 461 31.55 9.31 3.52
C PRO B 461 30.28 9.42 2.68
N ILE B 462 30.36 10.16 1.59
CA ILE B 462 29.23 10.32 0.68
C ILE B 462 28.80 8.97 0.12
N ILE B 463 29.79 8.19 -0.31
CA ILE B 463 29.53 6.87 -0.90
C ILE B 463 28.92 5.92 0.12
N GLN B 464 29.43 5.99 1.35
CA GLN B 464 28.93 5.14 2.44
C GLN B 464 27.44 5.38 2.67
N ARG B 465 27.05 6.65 2.68
CA ARG B 465 25.67 7.06 2.93
C ARG B 465 24.72 6.66 1.80
N LEU B 466 25.18 6.86 0.57
CA LEU B 466 24.39 6.59 -0.64
C LEU B 466 24.29 5.11 -1.00
N HIS B 467 25.31 4.33 -0.61
CA HIS B 467 25.46 2.93 -1.07
C HIS B 467 25.71 1.88 -0.02
N GLY B 468 26.21 2.30 1.14
CA GLY B 468 26.63 1.37 2.19
C GLY B 468 28.11 1.02 2.13
N LEU B 469 28.62 0.48 3.23
CA LEU B 469 30.04 0.10 3.36
C LEU B 469 30.46 -0.93 2.32
N SER B 470 29.49 -1.73 1.89
CA SER B 470 29.74 -2.83 0.94
C SER B 470 30.34 -2.33 -0.38
N ALA B 471 30.05 -1.07 -0.71
CA ALA B 471 30.52 -0.44 -1.95
C ALA B 471 32.04 -0.45 -2.09
N PHE B 472 32.74 -0.55 -0.96
CA PHE B 472 34.21 -0.56 -0.93
C PHE B 472 34.80 -1.97 -0.96
N SER B 473 33.94 -2.99 -0.90
CA SER B 473 34.38 -4.41 -0.80
C SER B 473 33.77 -5.35 -1.83
N LEU B 474 33.06 -4.80 -2.80
CA LEU B 474 32.39 -5.65 -3.80
C LEU B 474 33.37 -6.36 -4.69
N HIS B 475 33.06 -7.63 -4.95
CA HIS B 475 33.83 -8.49 -5.85
C HIS B 475 32.93 -9.48 -6.53
N SER B 476 33.52 -10.31 -7.39
CA SER B 476 32.77 -11.33 -8.13
C SER B 476 31.55 -10.73 -8.82
N TYR B 477 31.83 -9.77 -9.69
CA TYR B 477 30.81 -9.14 -10.53
C TYR B 477 30.30 -10.13 -11.58
N SER B 478 29.13 -9.83 -12.15
CA SER B 478 28.48 -10.76 -13.10
C SER B 478 29.23 -10.81 -14.44
N PRO B 479 29.15 -11.95 -15.15
CA PRO B 479 29.85 -12.11 -16.43
C PRO B 479 29.41 -11.10 -17.47
N GLY B 480 28.11 -10.82 -17.48
CA GLY B 480 27.53 -9.83 -18.39
C GLY B 480 28.10 -8.43 -18.20
N GLU B 481 28.28 -8.05 -16.94
CA GLU B 481 28.80 -6.73 -16.58
C GLU B 481 30.29 -6.61 -16.93
N ILE B 482 31.04 -7.65 -16.58
CA ILE B 482 32.47 -7.74 -16.89
C ILE B 482 32.70 -7.63 -18.40
N ASN B 483 31.90 -8.37 -19.16
CA ASN B 483 32.00 -8.39 -20.62
C ASN B 483 31.68 -7.05 -21.26
N ARG B 484 30.67 -6.38 -20.70
CA ARG B 484 30.27 -5.06 -21.20
C ARG B 484 31.36 -4.02 -20.97
N VAL B 485 31.95 -4.05 -19.79
CA VAL B 485 33.08 -3.17 -19.47
C VAL B 485 34.24 -3.44 -20.41
N ALA B 486 34.59 -4.72 -20.56
CA ALA B 486 35.69 -5.15 -21.46
C ALA B 486 35.51 -4.64 -22.89
N ALA B 487 34.29 -4.77 -23.39
CA ALA B 487 33.95 -4.33 -24.75
C ALA B 487 34.16 -2.82 -24.92
N CYS B 488 33.76 -2.08 -23.90
CA CYS B 488 33.88 -0.62 -23.88
C CYS B 488 35.34 -0.18 -23.93
N LEU B 489 36.17 -0.83 -23.14
CA LEU B 489 37.60 -0.49 -23.05
C LEU B 489 38.29 -0.68 -24.41
N ARG B 490 37.97 -1.80 -25.07
CA ARG B 490 38.51 -2.10 -26.41
C ARG B 490 38.06 -1.05 -27.42
N LYS B 491 36.78 -0.69 -27.34
CA LYS B 491 36.16 0.28 -28.26
C LYS B 491 36.80 1.67 -28.15
N LEU B 492 36.99 2.12 -26.92
CA LEU B 492 37.45 3.49 -26.63
C LEU B 492 38.97 3.66 -26.54
N GLY B 493 39.70 2.55 -26.54
CA GLY B 493 41.15 2.59 -26.38
C GLY B 493 41.52 3.02 -24.97
N VAL B 494 40.86 2.41 -23.99
CA VAL B 494 41.12 2.63 -22.56
C VAL B 494 42.01 1.50 -22.02
N PRO B 495 43.02 1.85 -21.20
CA PRO B 495 43.88 0.81 -20.66
C PRO B 495 43.10 -0.29 -19.93
N PRO B 496 43.62 -1.53 -19.96
CA PRO B 496 42.92 -2.63 -19.29
C PRO B 496 42.95 -2.48 -17.77
N LEU B 497 42.03 -3.18 -17.13
CA LEU B 497 41.77 -3.03 -15.69
C LEU B 497 43.02 -3.29 -14.83
N ARG B 498 43.86 -4.22 -15.27
CA ARG B 498 45.10 -4.55 -14.55
C ARG B 498 46.07 -3.37 -14.53
N ALA B 499 46.05 -2.58 -15.60
CA ALA B 499 46.88 -1.38 -15.70
C ALA B 499 46.41 -0.30 -14.72
N TRP B 500 45.10 -0.19 -14.62
CA TRP B 500 44.47 0.75 -13.69
C TRP B 500 44.74 0.38 -12.27
N ARG B 501 44.75 -0.92 -12.00
CA ARG B 501 45.10 -1.45 -10.68
C ARG B 501 46.48 -0.95 -10.24
N HIS B 502 47.45 -1.09 -11.13
CA HIS B 502 48.83 -0.62 -10.90
C HIS B 502 48.87 0.85 -10.57
N ARG B 503 48.17 1.63 -11.37
CA ARG B 503 48.09 3.09 -11.17
C ARG B 503 47.43 3.41 -9.81
N ALA B 504 46.37 2.67 -9.51
CA ALA B 504 45.61 2.84 -8.27
C ALA B 504 46.48 2.64 -7.02
N ARG B 505 47.43 1.71 -7.12
CA ARG B 505 48.33 1.40 -5.99
C ARG B 505 49.23 2.59 -5.70
N SER B 506 49.67 3.25 -6.77
CA SER B 506 50.49 4.47 -6.66
C SER B 506 49.67 5.63 -6.08
N VAL B 507 48.49 5.84 -6.64
CA VAL B 507 47.58 6.89 -6.19
C VAL B 507 47.21 6.70 -4.71
N ARG B 508 46.91 5.45 -4.36
CA ARG B 508 46.60 5.07 -2.98
C ARG B 508 47.70 5.49 -2.02
N ALA B 509 48.93 5.16 -2.39
CA ALA B 509 50.12 5.48 -1.58
C ALA B 509 50.26 6.98 -1.34
N ARG B 510 50.08 7.75 -2.41
CA ARG B 510 50.19 9.22 -2.36
C ARG B 510 49.12 9.81 -1.44
N LEU B 511 47.92 9.27 -1.55
CA LEU B 511 46.77 9.71 -0.73
C LEU B 511 46.98 9.40 0.74
N LEU B 512 47.49 8.20 1.02
CA LEU B 512 47.74 7.76 2.41
C LEU B 512 48.77 8.63 3.11
N SER B 513 49.75 9.09 2.34
CA SER B 513 50.86 9.91 2.88
C SER B 513 50.40 11.30 3.32
N ARG B 514 49.41 11.83 2.62
CA ARG B 514 48.89 13.19 2.90
C ARG B 514 48.13 13.26 4.21
N GLY B 515 47.61 12.11 4.63
CA GLY B 515 46.86 11.99 5.89
C GLY B 515 45.45 12.55 5.81
N GLY B 516 44.77 12.53 6.95
CA GLY B 516 43.44 13.13 7.09
C GLY B 516 42.40 12.53 6.15
N ARG B 517 41.68 13.41 5.46
CA ARG B 517 40.60 12.99 4.55
C ARG B 517 41.16 12.28 3.32
N ALA B 518 42.33 12.75 2.88
CA ALA B 518 43.03 12.13 1.75
C ALA B 518 43.37 10.68 2.05
N ALA B 519 43.80 10.43 3.28
CA ALA B 519 44.18 9.09 3.74
C ALA B 519 42.98 8.15 3.74
N ILE B 520 41.83 8.71 4.08
CA ILE B 520 40.57 7.95 4.11
C ILE B 520 40.15 7.61 2.67
N CYS B 521 40.41 8.53 1.74
CA CYS B 521 40.18 8.28 0.31
C CYS B 521 41.03 7.12 -0.17
N GLY B 522 42.32 7.15 0.19
CA GLY B 522 43.26 6.10 -0.20
C GLY B 522 42.87 4.76 0.40
N LYS B 523 42.51 4.79 1.68
CA LYS B 523 42.18 3.58 2.44
C LYS B 523 40.91 2.89 1.94
N TYR B 524 39.85 3.67 1.80
CA TYR B 524 38.52 3.12 1.49
C TYR B 524 38.27 2.92 0.00
N LEU B 525 38.59 3.94 -0.79
CA LEU B 525 38.31 3.91 -2.24
C LEU B 525 39.18 2.94 -3.01
N PHE B 526 40.38 2.68 -2.49
CA PHE B 526 41.37 1.87 -3.22
C PHE B 526 41.82 0.59 -2.51
N ASN B 527 40.98 0.10 -1.61
CA ASN B 527 41.27 -1.15 -0.89
C ASN B 527 41.27 -2.35 -1.83
N TRP B 528 40.50 -2.24 -2.91
CA TRP B 528 40.44 -3.26 -3.98
C TRP B 528 41.76 -3.47 -4.66
N ALA B 529 42.58 -2.43 -4.69
CA ALA B 529 43.85 -2.45 -5.43
C ALA B 529 45.01 -3.14 -4.70
N VAL B 530 44.82 -3.42 -3.42
CA VAL B 530 45.87 -4.07 -2.61
C VAL B 530 45.50 -5.49 -2.19
N ARG B 531 46.50 -6.35 -2.14
CA ARG B 531 46.34 -7.72 -1.66
C ARG B 531 46.14 -7.74 -0.15
N THR B 532 46.99 -7.00 0.56
CA THR B 532 46.89 -6.85 2.01
C THR B 532 45.82 -5.81 2.34
N LYS B 533 44.62 -6.29 2.60
CA LYS B 533 43.45 -5.41 2.78
C LYS B 533 43.41 -4.78 4.18
N LEU B 534 43.04 -3.51 4.22
CA LEU B 534 42.78 -2.82 5.49
C LEU B 534 41.34 -3.03 5.94
N LYS B 535 41.14 -2.98 7.25
CA LYS B 535 39.83 -3.21 7.85
C LYS B 535 38.93 -1.99 7.65
N LEU B 536 37.95 -2.12 6.77
CA LEU B 536 37.05 -1.01 6.45
C LEU B 536 35.90 -0.94 7.44
N THR B 537 36.03 -0.02 8.39
CA THR B 537 35.01 0.23 9.43
C THR B 537 34.16 1.44 9.03
N PRO B 538 32.96 1.58 9.64
CA PRO B 538 32.13 2.75 9.32
C PRO B 538 32.86 4.07 9.52
N ILE B 539 32.70 4.96 8.55
CA ILE B 539 33.39 6.26 8.56
C ILE B 539 32.62 7.23 9.46
N ALA B 540 33.36 7.84 10.39
CA ALA B 540 32.76 8.73 11.39
C ALA B 540 32.12 9.95 10.75
N ALA B 541 32.78 10.47 9.72
CA ALA B 541 32.32 11.67 9.01
C ALA B 541 30.96 11.44 8.35
N ALA B 542 30.71 10.21 7.93
CA ALA B 542 29.51 9.84 7.18
C ALA B 542 28.24 10.15 7.95
N GLY B 543 28.26 9.85 9.24
CA GLY B 543 27.10 10.07 10.12
C GLY B 543 26.73 11.53 10.20
N GLN B 544 27.76 12.38 10.22
CA GLN B 544 27.59 13.84 10.37
C GLN B 544 27.16 14.50 9.07
N LEU B 545 27.19 13.76 7.96
CA LEU B 545 26.90 14.32 6.63
C LEU B 545 25.50 14.90 6.50
N ALA B 546 25.44 16.16 6.07
CA ALA B 546 24.17 16.84 5.80
C ALA B 546 23.78 16.58 4.35
N LEU B 547 23.13 15.45 4.13
CA LEU B 547 22.71 15.01 2.79
C LEU B 547 21.21 15.15 2.55
N SER B 548 20.54 15.86 3.45
CA SER B 548 19.11 16.17 3.30
C SER B 548 18.90 17.07 2.08
N GLY B 549 18.00 16.66 1.19
CA GLY B 549 17.69 17.43 -0.02
C GLY B 549 18.32 16.91 -1.30
N TRP B 550 19.35 16.08 -1.17
CA TRP B 550 20.05 15.50 -2.33
C TRP B 550 19.09 14.77 -3.21
N PHE B 551 18.20 14.01 -2.59
CA PHE B 551 17.27 13.16 -3.34
C PHE B 551 15.82 13.53 -3.02
N THR B 552 15.60 14.82 -2.75
CA THR B 552 14.24 15.30 -2.46
C THR B 552 13.40 15.31 -3.73
N ALA B 553 13.97 15.87 -4.80
CA ALA B 553 13.22 16.17 -6.03
C ALA B 553 14.06 16.30 -7.30
N GLY B 554 13.36 16.33 -8.42
CA GLY B 554 13.98 16.48 -9.74
C GLY B 554 13.89 17.89 -10.28
N TYR B 555 15.04 18.42 -10.65
CA TYR B 555 15.16 19.82 -11.09
C TYR B 555 15.80 20.01 -12.46
N SER B 556 15.76 18.95 -13.28
CA SER B 556 16.48 18.93 -14.56
C SER B 556 15.99 20.02 -15.53
N GLY B 557 16.92 20.87 -15.94
CA GLY B 557 16.62 22.06 -16.74
C GLY B 557 16.01 23.18 -15.91
N GLY B 558 15.97 22.96 -14.60
CA GLY B 558 15.27 23.84 -13.66
C GLY B 558 16.10 24.97 -13.08
N ASP B 559 17.38 25.02 -13.42
CA ASP B 559 18.23 26.14 -13.03
C ASP B 559 18.28 26.25 -11.50
N ILE B 560 18.56 25.11 -10.86
CA ILE B 560 18.59 25.02 -9.38
C ILE B 560 19.99 24.80 -8.80
N TYR B 561 20.26 25.52 -7.71
CA TYR B 561 21.54 25.44 -6.98
C TYR B 561 21.33 25.18 -5.49
N HIS B 562 22.10 24.23 -4.95
CA HIS B 562 22.06 23.90 -3.52
C HIS B 562 23.41 24.07 -2.86
#